data_8EO0
#
_entry.id   8EO0
#
_cell.length_a   37.940
_cell.length_b   171.326
_cell.length_c   71.583
_cell.angle_alpha   90.000
_cell.angle_beta   100.280
_cell.angle_gamma   90.000
#
_symmetry.space_group_name_H-M   'P 1 21 1'
#
loop_
_entity.id
_entity.type
_entity.pdbx_description
1 polymer 'Putative coatomer subunit alpha'
2 non-polymer 'ACETYL GROUP'
3 water water
#
_entity_poly.entity_id   1
_entity_poly.type   'polypeptide(L)'
_entity_poly.pdbx_seq_one_letter_code
;MEMLTKFESRSSRAKGVAFHPTQPWILTSLHNGRIQLWDYRMGTLLDRFDGHDGPVRGIAFHPTQPLFVSGGDDYKVNVW
NYKSRKLLFSLCGHMDYVRVCTFHHEYPWILSCSDDQTIRIWNWQSRNCIAILTGHSHYVMCAAFHPSEDLIVSASLDQT
VRVWDISGLRMKNAAPVSMSKEDQKAQAHNSKSNDKKGSTDAIVKFVLEGHDRGVNWCAFHPTLPLILSAGDDRLVKLWR
MTASKAWEVDTCRGHFNNVSCCLFHPHQELILSASEDKTIRVWDLNRRTAVQTFRRDNDAFWFITVHPKLNLFAAAHDSG
VMVFKLESAWSHPQFEK
;
_entity_poly.pdbx_strand_id   A,B,C
#
loop_
_chem_comp.id
_chem_comp.type
_chem_comp.name
_chem_comp.formula
ACE non-polymer 'ACETYL GROUP' 'C2 H4 O'
#
# COMPACT_ATOMS: atom_id res chain seq x y z
N MET A 1 23.84 -9.11 7.42
CA MET A 1 25.06 -8.60 6.83
C MET A 1 25.75 -7.60 7.74
N GLU A 2 26.99 -7.30 7.38
CA GLU A 2 27.83 -6.37 8.14
C GLU A 2 28.29 -5.27 7.22
N MET A 3 28.54 -4.12 7.82
CA MET A 3 29.04 -2.96 7.11
C MET A 3 30.53 -2.81 7.44
N LEU A 4 31.35 -2.87 6.39
CA LEU A 4 32.79 -2.64 6.52
C LEU A 4 33.08 -1.22 6.03
N THR A 5 33.23 -0.31 6.99
CA THR A 5 33.42 1.10 6.66
C THR A 5 34.85 1.35 6.22
N LYS A 6 35.01 1.97 5.05
CA LYS A 6 36.31 2.27 4.48
C LYS A 6 36.73 3.71 4.67
N PHE A 7 35.77 4.63 4.77
CA PHE A 7 36.09 6.04 4.85
C PHE A 7 34.89 6.75 5.45
N GLU A 8 35.15 7.72 6.33
CA GLU A 8 34.10 8.57 6.86
C GLU A 8 34.57 10.01 6.88
N SER A 9 33.71 10.92 6.44
CA SER A 9 33.92 12.34 6.63
C SER A 9 33.00 12.82 7.74
N ARG A 10 33.49 13.75 8.55
CA ARG A 10 32.66 14.48 9.49
C ARG A 10 32.45 15.86 8.92
N SER A 11 31.21 16.27 8.79
CA SER A 11 30.93 17.58 8.23
C SER A 11 29.52 17.99 8.64
N SER A 12 29.15 19.19 8.24
CA SER A 12 27.76 19.56 8.29
C SER A 12 26.97 18.68 7.32
N ARG A 13 25.65 18.73 7.47
CA ARG A 13 24.76 17.81 6.77
C ARG A 13 25.14 17.64 5.31
N ALA A 14 25.28 16.39 4.90
CA ALA A 14 25.58 16.03 3.52
C ALA A 14 24.30 15.60 2.81
N LYS A 15 24.16 16.03 1.56
CA LYS A 15 22.95 15.76 0.78
C LYS A 15 23.18 14.80 -0.38
N GLY A 16 24.28 14.93 -1.12
CA GLY A 16 24.56 14.04 -2.22
C GLY A 16 25.99 13.53 -2.19
N VAL A 17 26.18 12.37 -2.83
CA VAL A 17 27.48 11.76 -3.02
C VAL A 17 27.53 11.18 -4.43
N ALA A 18 28.69 11.27 -5.08
CA ALA A 18 28.87 10.64 -6.38
C ALA A 18 30.25 9.97 -6.43
N PHE A 19 30.27 8.70 -6.85
CA PHE A 19 31.52 7.98 -7.05
C PHE A 19 32.14 8.33 -8.40
N HIS A 20 33.43 8.55 -8.41
CA HIS A 20 34.15 8.59 -9.69
C HIS A 20 34.25 7.17 -10.24
N PRO A 21 34.05 6.98 -11.54
CA PRO A 21 34.05 5.60 -12.06
C PRO A 21 35.43 4.93 -12.09
N THR A 22 36.54 5.67 -12.11
CA THR A 22 37.84 5.01 -12.21
C THR A 22 38.82 5.43 -11.13
N GLN A 23 38.70 6.62 -10.66
CA GLN A 23 39.52 7.10 -9.57
C GLN A 23 38.86 6.77 -8.24
N PRO A 24 39.63 6.62 -7.18
CA PRO A 24 39.08 6.33 -5.85
C PRO A 24 38.55 7.59 -5.16
N TRP A 25 37.67 8.31 -5.84
CA TRP A 25 37.16 9.57 -5.36
C TRP A 25 35.65 9.53 -5.17
N ILE A 26 35.16 10.35 -4.24
CA ILE A 26 33.76 10.74 -4.19
C ILE A 26 33.67 12.26 -4.16
N LEU A 27 32.67 12.78 -4.84
CA LEU A 27 32.20 14.13 -4.56
C LEU A 27 31.10 14.05 -3.51
N THR A 28 31.09 15.03 -2.60
CA THR A 28 30.01 15.20 -1.63
C THR A 28 29.45 16.61 -1.79
N SER A 29 28.14 16.73 -1.78
CA SER A 29 27.49 18.04 -1.85
C SER A 29 26.79 18.27 -0.53
N LEU A 30 27.02 19.43 0.07
CA LEU A 30 26.64 19.69 1.44
C LEU A 30 25.49 20.67 1.54
N HIS A 31 24.84 20.63 2.70
CA HIS A 31 23.78 21.56 3.00
C HIS A 31 24.28 23.00 3.07
N ASN A 32 25.58 23.21 3.32
CA ASN A 32 26.14 24.55 3.41
C ASN A 32 26.52 25.11 2.05
N GLY A 33 26.30 24.37 0.98
CA GLY A 33 26.51 24.87 -0.37
C GLY A 33 27.84 24.49 -0.97
N ARG A 34 28.72 23.85 -0.21
CA ARG A 34 30.04 23.48 -0.70
C ARG A 34 30.03 22.05 -1.20
N ILE A 35 30.96 21.77 -2.12
CA ILE A 35 31.15 20.44 -2.70
C ILE A 35 32.57 20.00 -2.36
N GLN A 36 32.71 18.83 -1.76
CA GLN A 36 34.03 18.30 -1.46
C GLN A 36 34.40 17.17 -2.44
N LEU A 37 35.69 17.09 -2.77
CA LEU A 37 36.25 15.97 -3.53
C LEU A 37 37.23 15.24 -2.62
N TRP A 38 36.91 13.98 -2.32
CA TRP A 38 37.67 13.18 -1.36
C TRP A 38 38.27 11.98 -2.06
N ASP A 39 39.48 11.60 -1.65
CA ASP A 39 40.04 10.28 -1.98
C ASP A 39 39.76 9.36 -0.80
N TYR A 40 38.89 8.37 -1.02
CA TYR A 40 38.49 7.54 0.11
C TYR A 40 39.49 6.42 0.40
N ARG A 41 40.51 6.23 -0.43
CA ARG A 41 41.54 5.25 -0.10
C ARG A 41 42.64 5.87 0.76
N MET A 42 42.94 7.14 0.52
CA MET A 42 43.94 7.85 1.31
C MET A 42 43.34 8.63 2.46
N GLY A 43 42.04 8.93 2.40
CA GLY A 43 41.42 9.75 3.42
C GLY A 43 41.75 11.21 3.29
N THR A 44 41.95 11.70 2.07
CA THR A 44 42.41 13.06 1.84
C THR A 44 41.36 13.88 1.11
N LEU A 45 41.18 15.12 1.56
CA LEU A 45 40.39 16.11 0.84
C LEU A 45 41.24 16.70 -0.28
N LEU A 46 40.86 16.40 -1.52
CA LEU A 46 41.64 16.84 -2.68
C LEU A 46 41.28 18.26 -3.10
N ASP A 47 40.00 18.63 -3.01
CA ASP A 47 39.56 19.91 -3.51
C ASP A 47 38.21 20.24 -2.90
N ARG A 48 37.90 21.53 -2.89
CA ARG A 48 36.61 22.06 -2.51
C ARG A 48 36.13 22.94 -3.66
N PHE A 49 34.81 22.98 -3.84
CA PHE A 49 34.22 23.76 -4.93
C PHE A 49 33.05 24.54 -4.36
N ASP A 50 33.10 25.86 -4.53
CA ASP A 50 32.06 26.75 -4.01
C ASP A 50 31.44 27.53 -5.17
N GLY A 51 30.29 27.07 -5.63
CA GLY A 51 29.57 27.77 -6.69
C GLY A 51 28.08 27.90 -6.48
N HIS A 52 27.59 27.62 -5.28
CA HIS A 52 26.16 27.68 -4.98
C HIS A 52 25.90 28.45 -3.69
N ASP A 53 24.72 29.05 -3.59
CA ASP A 53 24.22 29.62 -2.34
C ASP A 53 23.14 28.70 -1.82
N GLY A 54 23.32 28.16 -0.63
CA GLY A 54 22.36 27.22 -0.07
C GLY A 54 22.68 25.79 -0.42
N PRO A 55 21.84 24.87 0.06
CA PRO A 55 22.14 23.44 -0.09
C PRO A 55 22.36 23.03 -1.54
N VAL A 56 23.24 22.06 -1.74
CA VAL A 56 23.50 21.45 -3.04
C VAL A 56 23.08 19.99 -2.94
N ARG A 57 21.98 19.65 -3.61
CA ARG A 57 21.42 18.31 -3.54
C ARG A 57 21.85 17.43 -4.70
N GLY A 58 22.03 18.00 -5.89
CA GLY A 58 22.41 17.24 -7.07
C GLY A 58 23.92 17.30 -7.25
N ILE A 59 24.50 16.13 -7.55
CA ILE A 59 25.94 16.02 -7.77
C ILE A 59 26.21 14.74 -8.56
N ALA A 60 27.03 14.82 -9.61
CA ALA A 60 27.31 13.63 -10.42
C ALA A 60 28.54 13.86 -11.28
N PHE A 61 29.30 12.78 -11.48
CA PHE A 61 30.39 12.79 -12.44
C PHE A 61 29.89 12.43 -13.84
N HIS A 62 30.53 12.99 -14.86
CA HIS A 62 30.40 12.41 -16.19
C HIS A 62 31.16 11.09 -16.22
N PRO A 63 30.65 10.06 -16.91
CA PRO A 63 31.35 8.76 -16.87
C PRO A 63 32.70 8.75 -17.54
N THR A 64 32.97 9.66 -18.49
CA THR A 64 34.25 9.61 -19.21
C THR A 64 34.92 10.98 -19.34
N GLN A 65 34.14 12.04 -19.37
CA GLN A 65 34.69 13.39 -19.48
C GLN A 65 35.15 13.91 -18.11
N PRO A 66 36.12 14.83 -18.08
CA PRO A 66 36.62 15.36 -16.82
C PRO A 66 35.68 16.40 -16.20
N LEU A 67 34.40 16.08 -16.17
CA LEU A 67 33.38 17.01 -15.73
C LEU A 67 32.56 16.42 -14.60
N PHE A 68 32.00 17.31 -13.78
CA PHE A 68 30.89 16.93 -12.92
C PHE A 68 29.86 18.05 -12.94
N VAL A 69 28.65 17.71 -12.49
CA VAL A 69 27.53 18.62 -12.52
C VAL A 69 26.95 18.68 -11.12
N SER A 70 26.51 19.87 -10.72
CA SER A 70 25.90 20.08 -9.42
C SER A 70 24.61 20.86 -9.57
N GLY A 71 23.70 20.66 -8.63
CA GLY A 71 22.39 21.27 -8.70
C GLY A 71 21.99 21.77 -7.33
N GLY A 72 21.55 23.02 -7.25
CA GLY A 72 21.39 23.67 -5.96
C GLY A 72 20.02 24.22 -5.64
N ASP A 73 19.82 24.51 -4.36
CA ASP A 73 18.62 25.24 -3.95
C ASP A 73 18.59 26.66 -4.50
N ASP A 74 19.69 27.15 -5.10
CA ASP A 74 19.69 28.43 -5.80
C ASP A 74 19.21 28.30 -7.24
N TYR A 75 18.65 27.14 -7.60
CA TYR A 75 18.02 26.81 -8.87
C TYR A 75 19.03 26.56 -9.98
N LYS A 76 20.33 26.65 -9.71
CA LYS A 76 21.35 26.56 -10.75
C LYS A 76 21.80 25.13 -10.95
N VAL A 77 22.09 24.79 -12.21
CA VAL A 77 22.77 23.56 -12.57
C VAL A 77 24.14 23.96 -13.11
N ASN A 78 25.19 23.60 -12.39
CA ASN A 78 26.54 24.05 -12.70
C ASN A 78 27.35 22.91 -13.28
N VAL A 79 28.13 23.21 -14.32
CA VAL A 79 28.97 22.22 -14.97
C VAL A 79 30.41 22.64 -14.72
N TRP A 80 31.17 21.71 -14.14
CA TRP A 80 32.53 21.93 -13.71
C TRP A 80 33.48 21.01 -14.46
N ASN A 81 34.72 21.46 -14.62
CA ASN A 81 35.83 20.64 -15.11
C ASN A 81 36.74 20.42 -13.89
N TYR A 82 36.84 19.17 -13.43
CA TYR A 82 37.62 18.96 -12.22
C TYR A 82 39.11 18.88 -12.49
N LYS A 83 39.51 18.73 -13.76
CA LYS A 83 40.94 18.70 -14.06
C LYS A 83 41.52 20.11 -14.07
N SER A 84 40.82 21.04 -14.71
CA SER A 84 41.22 22.44 -14.68
C SER A 84 40.71 23.17 -13.44
N ARG A 85 39.79 22.55 -12.67
CA ARG A 85 39.26 23.12 -11.44
C ARG A 85 38.48 24.41 -11.70
N LYS A 86 37.71 24.43 -12.79
CA LYS A 86 36.95 25.60 -13.18
C LYS A 86 35.46 25.29 -13.22
N LEU A 87 34.64 26.27 -12.86
CA LEU A 87 33.22 26.26 -13.15
C LEU A 87 33.04 26.71 -14.60
N LEU A 88 32.65 25.78 -15.48
CA LEU A 88 32.62 26.12 -16.90
C LEU A 88 31.46 27.05 -17.22
N PHE A 89 30.27 26.74 -16.72
CA PHE A 89 29.11 27.58 -16.97
C PHE A 89 27.97 27.09 -16.08
N SER A 90 26.96 27.95 -15.92
CA SER A 90 25.75 27.63 -15.19
C SER A 90 24.59 27.49 -16.16
N LEU A 91 23.76 26.48 -15.93
CA LEU A 91 22.54 26.29 -16.72
C LEU A 91 21.37 26.80 -15.89
N CYS A 92 20.77 27.89 -16.35
CA CYS A 92 19.67 28.52 -15.66
C CYS A 92 18.37 28.25 -16.42
N GLY A 93 17.27 28.21 -15.68
CA GLY A 93 16.00 27.87 -16.25
C GLY A 93 15.03 27.36 -15.21
N HIS A 94 15.50 26.50 -14.31
CA HIS A 94 14.64 26.06 -13.22
C HIS A 94 14.27 27.24 -12.33
N MET A 95 13.05 27.20 -11.79
CA MET A 95 12.53 28.29 -10.97
C MET A 95 12.34 27.90 -9.51
N ASP A 96 12.91 26.79 -9.08
CA ASP A 96 12.87 26.37 -7.69
C ASP A 96 14.03 25.39 -7.48
N TYR A 97 14.13 24.88 -6.26
CA TYR A 97 15.21 23.97 -5.88
C TYR A 97 15.45 22.91 -6.94
N VAL A 98 16.72 22.69 -7.30
CA VAL A 98 17.11 21.52 -8.10
C VAL A 98 17.35 20.36 -7.14
N ARG A 99 16.68 19.23 -7.38
CA ARG A 99 16.77 18.08 -6.49
C ARG A 99 17.82 17.07 -6.95
N VAL A 100 17.94 16.85 -8.26
CA VAL A 100 18.85 15.86 -8.83
C VAL A 100 19.39 16.39 -10.15
N CYS A 101 20.63 16.03 -10.46
CA CYS A 101 21.21 16.29 -11.78
C CYS A 101 22.19 15.18 -12.13
N THR A 102 22.10 14.67 -13.36
CA THR A 102 22.97 13.60 -13.79
C THR A 102 23.37 13.81 -15.25
N PHE A 103 24.40 13.09 -15.67
CA PHE A 103 24.86 13.06 -17.05
C PHE A 103 24.33 11.79 -17.72
N HIS A 104 23.97 11.90 -19.00
CA HIS A 104 23.75 10.72 -19.80
C HIS A 104 25.08 10.06 -20.16
N HIS A 105 25.06 8.74 -20.26
CA HIS A 105 26.25 7.93 -20.53
C HIS A 105 26.71 7.95 -21.98
N GLU A 106 25.95 8.55 -22.89
CA GLU A 106 26.26 8.43 -24.31
C GLU A 106 25.93 9.71 -25.06
N TYR A 107 24.72 10.22 -24.86
CA TYR A 107 24.38 11.48 -25.46
C TYR A 107 24.94 12.62 -24.62
N PRO A 108 25.20 13.77 -25.23
CA PRO A 108 25.80 14.89 -24.47
C PRO A 108 24.75 15.64 -23.67
N TRP A 109 24.07 14.93 -22.78
CA TRP A 109 22.92 15.47 -22.09
C TRP A 109 23.13 15.50 -20.59
N ILE A 110 22.51 16.50 -19.96
CA ILE A 110 22.34 16.57 -18.52
C ILE A 110 20.84 16.50 -18.24
N LEU A 111 20.48 15.73 -17.23
CA LEU A 111 19.13 15.62 -16.72
C LEU A 111 19.09 16.33 -15.37
N SER A 112 18.07 17.16 -15.17
CA SER A 112 17.82 17.75 -13.85
C SER A 112 16.32 17.79 -13.61
N CYS A 113 15.96 17.84 -12.33
CA CYS A 113 14.56 17.95 -11.94
C CYS A 113 14.47 18.88 -10.74
N SER A 114 13.27 19.42 -10.51
CA SER A 114 13.15 20.58 -9.64
C SER A 114 11.80 20.63 -8.93
N ASP A 115 11.80 21.34 -7.80
CA ASP A 115 10.56 21.67 -7.11
C ASP A 115 9.61 22.49 -7.98
N ASP A 116 10.10 23.05 -9.10
CA ASP A 116 9.26 23.79 -10.05
C ASP A 116 8.38 22.87 -10.89
N GLN A 117 8.38 21.56 -10.59
CA GLN A 117 7.50 20.54 -11.17
C GLN A 117 7.92 20.08 -12.55
N THR A 118 9.13 20.40 -12.99
CA THR A 118 9.63 20.00 -14.30
C THR A 118 10.92 19.20 -14.18
N ILE A 119 11.12 18.40 -15.22
CA ILE A 119 12.40 17.77 -15.55
C ILE A 119 12.95 18.48 -16.78
N ARG A 120 14.22 18.84 -16.75
CA ARG A 120 14.86 19.49 -17.89
C ARG A 120 15.97 18.60 -18.42
N ILE A 121 16.10 18.56 -19.73
CA ILE A 121 17.22 17.90 -20.40
C ILE A 121 18.02 19.00 -21.09
N TRP A 122 19.30 19.04 -20.82
CA TRP A 122 20.18 20.04 -21.39
C TRP A 122 21.23 19.33 -22.23
N ASN A 123 21.71 20.02 -23.26
CA ASN A 123 22.86 19.59 -24.05
C ASN A 123 24.08 20.32 -23.50
N TRP A 124 25.04 19.60 -22.96
CA TRP A 124 26.14 20.32 -22.33
C TRP A 124 27.19 20.77 -23.34
N GLN A 125 27.05 20.38 -24.61
CA GLN A 125 27.90 20.90 -25.68
C GLN A 125 27.39 22.25 -26.17
N SER A 126 26.08 22.39 -26.31
CA SER A 126 25.48 23.65 -26.76
C SER A 126 25.07 24.56 -25.61
N ARG A 127 24.95 24.03 -24.40
CA ARG A 127 24.53 24.78 -23.21
C ARG A 127 23.08 25.22 -23.30
N ASN A 128 22.28 24.49 -24.06
CA ASN A 128 20.88 24.82 -24.25
C ASN A 128 20.00 23.78 -23.56
N CYS A 129 18.86 24.23 -23.08
CA CYS A 129 17.82 23.31 -22.64
C CYS A 129 17.14 22.75 -23.89
N ILE A 130 17.20 21.43 -24.07
CA ILE A 130 16.59 20.81 -25.24
C ILE A 130 15.23 20.21 -24.98
N ALA A 131 14.79 20.13 -23.71
CA ALA A 131 13.47 19.60 -23.42
C ALA A 131 13.06 19.96 -21.99
N ILE A 132 11.79 20.31 -21.82
CA ILE A 132 11.17 20.52 -20.51
C ILE A 132 10.03 19.51 -20.39
N LEU A 133 10.15 18.59 -19.45
CA LEU A 133 9.16 17.52 -19.29
C LEU A 133 8.18 17.96 -18.20
N THR A 134 6.96 18.28 -18.60
CA THR A 134 5.91 18.77 -17.71
C THR A 134 4.84 17.70 -17.52
N GLY A 135 4.10 17.81 -16.42
CA GLY A 135 3.05 16.87 -16.13
C GLY A 135 2.90 16.59 -14.65
N HIS A 136 4.01 16.45 -13.93
CA HIS A 136 3.93 16.36 -12.49
C HIS A 136 3.23 17.59 -11.93
N SER A 137 2.52 17.42 -10.80
CA SER A 137 1.77 18.51 -10.18
C SER A 137 2.30 18.89 -8.80
N HIS A 138 3.52 18.50 -8.47
CA HIS A 138 4.18 18.90 -7.23
C HIS A 138 5.68 18.75 -7.50
N TYR A 139 6.49 18.94 -6.47
CA TYR A 139 7.93 18.89 -6.63
C TYR A 139 8.37 17.59 -7.32
N VAL A 140 9.32 17.68 -8.23
CA VAL A 140 9.96 16.50 -8.80
C VAL A 140 11.22 16.25 -7.98
N MET A 141 11.22 15.18 -7.19
CA MET A 141 12.27 14.91 -6.22
C MET A 141 13.42 14.08 -6.78
N CYS A 142 13.21 13.42 -7.91
CA CYS A 142 14.23 12.56 -8.50
C CYS A 142 13.88 12.30 -9.95
N ALA A 143 14.91 12.09 -10.76
CA ALA A 143 14.78 11.66 -12.14
C ALA A 143 16.06 10.92 -12.50
N ALA A 144 15.94 9.96 -13.41
CA ALA A 144 17.09 9.15 -13.81
C ALA A 144 16.94 8.67 -15.26
N PHE A 145 18.05 8.71 -15.99
CA PHE A 145 18.12 8.07 -17.29
C PHE A 145 18.16 6.54 -17.14
N HIS A 146 17.45 5.86 -18.04
CA HIS A 146 17.57 4.43 -18.19
C HIS A 146 18.94 4.06 -18.75
N PRO A 147 19.51 2.92 -18.35
CA PRO A 147 20.90 2.62 -18.77
C PRO A 147 21.04 2.18 -20.21
N SER A 148 19.98 1.73 -20.87
CA SER A 148 20.10 1.21 -22.23
C SER A 148 18.93 1.57 -23.13
N GLU A 149 17.90 2.23 -22.62
CA GLU A 149 16.75 2.60 -23.43
C GLU A 149 16.50 4.09 -23.31
N ASP A 150 15.72 4.61 -24.27
CA ASP A 150 15.41 6.04 -24.32
C ASP A 150 14.23 6.32 -23.39
N LEU A 151 14.50 6.16 -22.09
CA LEU A 151 13.50 6.35 -21.05
C LEU A 151 14.09 7.17 -19.91
N ILE A 152 13.22 7.91 -19.22
CA ILE A 152 13.51 8.55 -17.96
C ILE A 152 12.46 8.10 -16.95
N VAL A 153 12.85 7.91 -15.70
CA VAL A 153 11.90 7.72 -14.60
C VAL A 153 12.04 8.92 -13.68
N SER A 154 10.90 9.37 -13.13
CA SER A 154 10.89 10.50 -12.22
C SER A 154 9.97 10.19 -11.05
N ALA A 155 10.22 10.85 -9.93
CA ALA A 155 9.45 10.67 -8.71
C ALA A 155 9.06 12.05 -8.19
N SER A 156 7.82 12.16 -7.71
CA SER A 156 7.26 13.46 -7.36
C SER A 156 6.44 13.39 -6.08
N LEU A 157 6.39 14.52 -5.39
CA LEU A 157 5.51 14.68 -4.24
C LEU A 157 4.03 14.67 -4.62
N ASP A 158 3.72 14.64 -5.92
CA ASP A 158 2.35 14.41 -6.37
C ASP A 158 1.95 12.94 -6.24
N GLN A 159 2.79 12.12 -5.62
CA GLN A 159 2.55 10.72 -5.28
C GLN A 159 2.68 9.79 -6.48
N THR A 160 3.23 10.25 -7.61
CA THR A 160 3.39 9.38 -8.75
C THR A 160 4.87 9.18 -9.11
N VAL A 161 5.11 8.09 -9.82
CA VAL A 161 6.37 7.80 -10.48
C VAL A 161 6.08 7.73 -11.97
N ARG A 162 6.77 8.55 -12.76
CA ARG A 162 6.48 8.65 -14.18
C ARG A 162 7.63 8.08 -14.99
N VAL A 163 7.31 7.28 -16.00
CA VAL A 163 8.26 6.81 -16.99
C VAL A 163 7.97 7.55 -18.29
N TRP A 164 9.00 8.20 -18.82
CA TRP A 164 8.87 9.06 -19.98
C TRP A 164 9.63 8.46 -21.15
N ASP A 165 9.03 8.52 -22.34
CA ASP A 165 9.65 8.07 -23.57
C ASP A 165 10.33 9.25 -24.24
N ILE A 166 11.66 9.19 -24.38
CA ILE A 166 12.41 10.28 -24.97
C ILE A 166 13.08 9.85 -26.28
N SER A 167 12.58 8.77 -26.89
CA SER A 167 13.13 8.35 -28.19
C SER A 167 13.01 9.45 -29.22
N GLY A 168 11.95 10.27 -29.14
CA GLY A 168 11.80 11.37 -30.08
C GLY A 168 12.95 12.36 -29.98
N LEU A 169 13.28 12.81 -28.77
CA LEU A 169 14.38 13.75 -28.60
C LEU A 169 15.69 13.15 -29.09
N ARG A 170 15.86 11.84 -28.92
CA ARG A 170 17.07 11.18 -29.39
C ARG A 170 17.23 11.36 -30.89
N MET A 171 16.21 10.94 -31.65
CA MET A 171 16.15 11.16 -33.08
C MET A 171 16.34 12.64 -33.38
N THR A 200 6.11 15.72 -28.39
CA THR A 200 6.78 14.94 -29.43
C THR A 200 8.12 14.41 -28.95
N ASP A 201 9.01 15.34 -28.56
CA ASP A 201 10.35 14.96 -28.11
C ASP A 201 10.27 14.01 -26.92
N ALA A 202 9.35 14.26 -26.00
CA ALA A 202 9.21 13.44 -24.81
C ALA A 202 7.73 13.25 -24.54
N ILE A 203 7.33 12.00 -24.30
CA ILE A 203 5.95 11.67 -24.00
C ILE A 203 5.92 10.79 -22.76
N VAL A 204 4.97 11.03 -21.86
CA VAL A 204 4.84 10.16 -20.70
C VAL A 204 4.31 8.81 -21.16
N LYS A 205 4.97 7.74 -20.71
CA LYS A 205 4.57 6.38 -21.04
C LYS A 205 3.75 5.74 -19.93
N PHE A 206 4.23 5.81 -18.69
CA PHE A 206 3.51 5.29 -17.54
C PHE A 206 3.40 6.38 -16.48
N VAL A 207 2.24 6.49 -15.87
CA VAL A 207 2.07 7.23 -14.62
C VAL A 207 1.74 6.18 -13.56
N LEU A 208 2.79 5.76 -12.84
CA LEU A 208 2.72 4.66 -11.89
C LEU A 208 2.08 5.16 -10.59
N GLU A 209 0.96 4.56 -10.22
CA GLU A 209 0.20 4.90 -9.04
C GLU A 209 0.29 3.77 -8.03
N GLY A 210 0.38 4.13 -6.76
CA GLY A 210 0.55 3.15 -5.71
C GLY A 210 1.00 3.75 -4.39
N HIS A 211 1.93 4.69 -4.43
CA HIS A 211 2.35 5.38 -3.21
C HIS A 211 1.20 6.25 -2.69
N ASP A 212 1.02 6.28 -1.37
CA ASP A 212 -0.05 7.03 -0.73
C ASP A 212 0.39 8.39 -0.20
N ARG A 213 1.67 8.73 -0.33
CA ARG A 213 2.21 10.05 -0.02
C ARG A 213 3.26 10.37 -1.09
N GLY A 214 3.94 11.51 -0.93
CA GLY A 214 4.90 11.92 -1.94
C GLY A 214 6.04 10.93 -2.11
N VAL A 215 6.56 10.89 -3.33
CA VAL A 215 7.67 10.01 -3.68
C VAL A 215 8.94 10.84 -3.76
N ASN A 216 9.99 10.38 -3.08
CA ASN A 216 11.26 11.09 -2.97
C ASN A 216 12.33 10.57 -3.91
N TRP A 217 12.25 9.31 -4.32
CA TRP A 217 13.35 8.69 -5.05
C TRP A 217 12.84 7.63 -6.03
N CYS A 218 13.59 7.46 -7.11
CA CYS A 218 13.34 6.41 -8.08
C CYS A 218 14.65 5.97 -8.70
N ALA A 219 14.75 4.68 -9.01
CA ALA A 219 15.97 4.14 -9.60
C ALA A 219 15.63 3.01 -10.57
N PHE A 220 16.44 2.90 -11.63
CA PHE A 220 16.40 1.74 -12.51
C PHE A 220 17.44 0.71 -12.05
N HIS A 221 17.13 -0.55 -12.25
CA HIS A 221 18.16 -1.58 -12.13
C HIS A 221 19.12 -1.48 -13.32
N PRO A 222 20.40 -1.75 -13.13
CA PRO A 222 21.35 -1.55 -14.24
C PRO A 222 21.18 -2.52 -15.39
N THR A 223 20.65 -3.71 -15.15
CA THR A 223 20.49 -4.72 -16.19
C THR A 223 19.13 -5.39 -16.22
N LEU A 224 18.33 -5.24 -15.20
CA LEU A 224 17.02 -5.88 -15.20
C LEU A 224 15.92 -4.84 -15.42
N PRO A 225 14.77 -5.25 -16.00
CA PRO A 225 13.67 -4.31 -16.30
C PRO A 225 12.85 -3.97 -15.07
N LEU A 226 13.54 -3.46 -14.04
CA LEU A 226 12.96 -3.18 -12.74
C LEU A 226 13.17 -1.73 -12.36
N ILE A 227 12.26 -1.23 -11.53
CA ILE A 227 12.29 0.13 -11.02
C ILE A 227 12.03 0.06 -9.52
N LEU A 228 12.71 0.92 -8.77
CA LEU A 228 12.51 1.08 -7.34
C LEU A 228 12.05 2.50 -7.08
N SER A 229 11.10 2.69 -6.17
CA SER A 229 10.71 4.03 -5.75
C SER A 229 10.49 4.04 -4.24
N ALA A 230 10.60 5.22 -3.65
CA ALA A 230 10.58 5.36 -2.20
C ALA A 230 10.05 6.72 -1.79
N GLY A 231 9.32 6.77 -0.68
CA GLY A 231 8.66 8.01 -0.38
C GLY A 231 8.29 8.25 1.07
N ASP A 232 7.51 9.30 1.26
CA ASP A 232 7.08 9.74 2.57
C ASP A 232 6.06 8.81 3.20
N ASP A 233 5.54 7.84 2.43
CA ASP A 233 4.70 6.79 2.99
C ASP A 233 5.53 5.70 3.66
N ARG A 234 6.84 5.86 3.73
CA ARG A 234 7.74 4.90 4.34
C ARG A 234 7.88 3.63 3.53
N LEU A 235 7.44 3.65 2.28
CA LEU A 235 7.42 2.47 1.44
C LEU A 235 8.54 2.50 0.40
N VAL A 236 9.10 1.34 0.12
CA VAL A 236 9.93 1.13 -1.05
C VAL A 236 9.19 0.15 -1.94
N LYS A 237 8.86 0.57 -3.16
CA LYS A 237 8.08 -0.23 -4.07
C LYS A 237 8.96 -0.68 -5.22
N LEU A 238 8.80 -1.95 -5.62
CA LEU A 238 9.51 -2.56 -6.73
C LEU A 238 8.52 -2.72 -7.87
N TRP A 239 8.90 -2.24 -9.05
CA TRP A 239 8.06 -2.26 -10.23
C TRP A 239 8.80 -3.00 -11.34
N ARG A 240 8.04 -3.66 -12.19
CA ARG A 240 8.56 -4.33 -13.36
C ARG A 240 7.96 -3.65 -14.59
N MET A 241 8.76 -3.51 -15.64
CA MET A 241 8.24 -2.94 -16.86
C MET A 241 8.66 -3.79 -18.05
N THR A 242 7.74 -3.93 -18.99
CA THR A 242 8.02 -4.40 -20.33
C THR A 242 7.94 -3.22 -21.28
N ALA A 243 8.08 -3.50 -22.57
CA ALA A 243 7.96 -2.42 -23.55
C ALA A 243 6.56 -1.85 -23.60
N SER A 244 5.55 -2.60 -23.19
CA SER A 244 4.18 -2.17 -23.35
C SER A 244 3.41 -1.98 -22.06
N LYS A 245 3.94 -2.42 -20.91
CA LYS A 245 3.19 -2.30 -19.68
C LYS A 245 4.13 -2.38 -18.49
N ALA A 246 3.58 -2.10 -17.31
CA ALA A 246 4.32 -2.14 -16.06
C ALA A 246 3.39 -2.61 -14.97
N TRP A 247 3.98 -3.00 -13.84
CA TRP A 247 3.16 -3.32 -12.68
C TRP A 247 4.01 -3.25 -11.43
N GLU A 248 3.32 -3.00 -10.32
CA GLU A 248 3.94 -3.12 -9.02
C GLU A 248 4.16 -4.59 -8.71
N VAL A 249 5.40 -4.93 -8.35
CA VAL A 249 5.72 -6.29 -7.97
C VAL A 249 5.42 -6.54 -6.49
N ASP A 250 5.88 -5.64 -5.62
CA ASP A 250 5.80 -5.84 -4.18
C ASP A 250 6.30 -4.57 -3.50
N THR A 251 6.13 -4.53 -2.18
CA THR A 251 6.51 -3.38 -1.36
C THR A 251 7.39 -3.85 -0.21
N CYS A 252 8.49 -3.13 0.03
CA CYS A 252 9.31 -3.33 1.22
C CYS A 252 8.74 -2.45 2.33
N ARG A 253 8.28 -3.06 3.41
CA ARG A 253 7.63 -2.36 4.51
C ARG A 253 8.47 -2.50 5.76
N GLY A 254 8.62 -1.41 6.49
CA GLY A 254 9.35 -1.44 7.74
C GLY A 254 9.93 -0.13 8.19
N HIS A 255 10.45 0.69 7.28
CA HIS A 255 10.93 2.01 7.67
C HIS A 255 9.85 2.70 8.48
N PHE A 256 10.25 3.53 9.44
CA PHE A 256 9.29 4.22 10.30
C PHE A 256 9.43 5.73 10.20
N ASN A 257 9.97 6.20 9.07
CA ASN A 257 9.97 7.62 8.71
C ASN A 257 10.16 7.68 7.20
N ASN A 258 10.21 8.91 6.68
CA ASN A 258 10.35 9.09 5.24
C ASN A 258 11.53 8.30 4.72
N VAL A 259 11.35 7.65 3.58
CA VAL A 259 12.47 7.02 2.87
C VAL A 259 13.04 8.04 1.88
N SER A 260 14.32 8.34 2.01
CA SER A 260 14.96 9.39 1.24
C SER A 260 15.53 8.90 -0.08
N CYS A 261 15.86 7.62 -0.16
CA CYS A 261 16.67 7.11 -1.26
C CYS A 261 16.56 5.60 -1.28
N CYS A 262 16.70 5.02 -2.48
CA CYS A 262 16.70 3.58 -2.66
C CYS A 262 17.52 3.23 -3.89
N LEU A 263 18.11 2.03 -3.89
CA LEU A 263 18.89 1.61 -5.04
C LEU A 263 18.92 0.09 -5.10
N PHE A 264 19.24 -0.42 -6.29
CA PHE A 264 19.51 -1.84 -6.48
C PHE A 264 20.99 -2.11 -6.24
N HIS A 265 21.28 -3.16 -5.50
CA HIS A 265 22.62 -3.74 -5.54
C HIS A 265 22.90 -4.21 -6.96
N PRO A 266 23.99 -3.75 -7.60
CA PRO A 266 24.19 -4.08 -9.02
C PRO A 266 24.56 -5.53 -9.28
N HIS A 267 25.14 -6.23 -8.30
CA HIS A 267 25.70 -7.55 -8.51
C HIS A 267 25.17 -8.58 -7.53
N GLN A 268 24.22 -8.20 -6.67
CA GLN A 268 23.61 -9.11 -5.73
C GLN A 268 22.11 -8.85 -5.78
N GLU A 269 21.34 -9.90 -5.47
CA GLU A 269 19.88 -9.83 -5.45
C GLU A 269 19.42 -9.14 -4.16
N LEU A 270 19.73 -7.85 -4.09
CA LEU A 270 19.43 -7.06 -2.90
C LEU A 270 18.93 -5.68 -3.28
N ILE A 271 18.10 -5.12 -2.40
CA ILE A 271 17.64 -3.75 -2.46
C ILE A 271 18.20 -3.03 -1.24
N LEU A 272 18.60 -1.78 -1.42
CA LEU A 272 19.01 -0.93 -0.30
C LEU A 272 18.14 0.31 -0.25
N SER A 273 17.82 0.76 0.96
CA SER A 273 17.07 1.98 1.17
C SER A 273 17.66 2.73 2.35
N ALA A 274 17.41 4.03 2.38
CA ALA A 274 17.95 4.91 3.42
C ALA A 274 16.84 5.88 3.82
N SER A 275 16.83 6.25 5.09
CA SER A 275 15.62 6.85 5.63
C SER A 275 15.93 7.84 6.74
N GLU A 276 15.00 8.78 6.90
CA GLU A 276 15.04 9.68 8.04
C GLU A 276 14.81 8.96 9.36
N ASP A 277 14.41 7.69 9.34
CA ASP A 277 14.36 6.93 10.59
C ASP A 277 15.75 6.55 11.10
N LYS A 278 16.81 7.01 10.43
CA LYS A 278 18.21 6.82 10.84
C LYS A 278 18.70 5.40 10.54
N THR A 279 18.09 4.75 9.55
CA THR A 279 18.51 3.42 9.17
C THR A 279 18.80 3.36 7.67
N ILE A 280 19.77 2.52 7.33
CA ILE A 280 19.88 1.94 6.01
C ILE A 280 19.39 0.51 6.13
N ARG A 281 18.52 0.09 5.21
CA ARG A 281 17.95 -1.24 5.27
C ARG A 281 18.26 -1.99 3.99
N VAL A 282 18.63 -3.25 4.15
CA VAL A 282 18.90 -4.16 3.05
C VAL A 282 17.75 -5.15 2.98
N TRP A 283 17.25 -5.38 1.77
CA TRP A 283 16.10 -6.22 1.53
C TRP A 283 16.41 -7.24 0.43
N ASP A 284 15.72 -8.37 0.50
CA ASP A 284 15.87 -9.41 -0.51
C ASP A 284 15.10 -9.02 -1.77
N LEU A 285 15.79 -9.06 -2.91
CA LEU A 285 15.19 -8.61 -4.16
C LEU A 285 14.01 -9.48 -4.57
N ASN A 286 14.08 -10.78 -4.26
CA ASN A 286 13.10 -11.76 -4.74
C ASN A 286 11.92 -11.92 -3.80
N ARG A 287 12.09 -11.64 -2.52
CA ARG A 287 11.04 -11.80 -1.53
C ARG A 287 10.63 -10.50 -0.86
N ARG A 288 11.47 -9.46 -0.92
CA ARG A 288 11.24 -8.16 -0.30
C ARG A 288 11.20 -8.27 1.23
N THR A 289 11.76 -9.35 1.76
CA THR A 289 11.93 -9.45 3.20
C THR A 289 13.17 -8.68 3.65
N ALA A 290 13.16 -8.28 4.91
CA ALA A 290 14.30 -7.58 5.48
C ALA A 290 15.47 -8.55 5.64
N VAL A 291 16.65 -8.10 5.23
CA VAL A 291 17.87 -8.85 5.40
C VAL A 291 18.70 -8.28 6.54
N GLN A 292 18.87 -6.96 6.59
CA GLN A 292 19.70 -6.34 7.60
C GLN A 292 19.32 -4.88 7.72
N THR A 293 19.32 -4.38 8.95
CA THR A 293 19.17 -2.95 9.24
C THR A 293 20.47 -2.43 9.85
N PHE A 294 20.94 -1.29 9.36
CA PHE A 294 22.06 -0.57 9.96
C PHE A 294 21.54 0.78 10.45
N ARG A 295 21.83 1.12 11.70
CA ARG A 295 21.34 2.36 12.28
C ARG A 295 22.50 3.28 12.66
N ARG A 296 22.20 4.57 12.67
CA ARG A 296 23.01 5.58 13.33
C ARG A 296 22.19 6.22 14.44
N ASP A 297 22.85 6.49 15.57
CA ASP A 297 22.12 6.92 16.76
C ASP A 297 21.44 8.26 16.54
N ASN A 298 22.11 9.20 15.87
CA ASN A 298 21.61 10.57 15.80
C ASN A 298 21.43 11.14 14.41
N ASP A 299 21.80 10.40 13.35
CA ASP A 299 21.87 10.95 12.01
C ASP A 299 20.78 10.35 11.12
N ALA A 300 19.93 11.20 10.56
CA ALA A 300 19.09 10.80 9.45
C ALA A 300 19.93 10.59 8.19
N PHE A 301 19.50 9.66 7.34
CA PHE A 301 20.14 9.40 6.07
C PHE A 301 19.36 10.09 4.96
N TRP A 302 20.09 10.75 4.06
CA TRP A 302 19.49 11.53 3.00
C TRP A 302 19.72 10.95 1.62
N PHE A 303 20.67 10.03 1.48
CA PHE A 303 21.09 9.60 0.15
C PHE A 303 22.01 8.40 0.28
N ILE A 304 21.89 7.48 -0.68
CA ILE A 304 22.82 6.36 -0.83
C ILE A 304 23.12 6.17 -2.31
N THR A 305 24.33 5.67 -2.57
CA THR A 305 24.74 5.40 -3.94
C THR A 305 25.71 4.22 -3.92
N VAL A 306 25.95 3.68 -5.12
CA VAL A 306 26.82 2.54 -5.28
C VAL A 306 27.75 2.80 -6.45
N HIS A 307 28.96 2.29 -6.33
CA HIS A 307 29.92 2.37 -7.41
C HIS A 307 29.40 1.57 -8.60
N PRO A 308 29.58 2.06 -9.83
CA PRO A 308 29.11 1.26 -10.98
C PRO A 308 29.67 -0.15 -11.02
N LYS A 309 30.94 -0.35 -10.69
CA LYS A 309 31.59 -1.65 -10.85
C LYS A 309 31.83 -2.40 -9.54
N LEU A 310 32.28 -1.72 -8.50
CA LEU A 310 32.75 -2.35 -7.28
C LEU A 310 31.63 -2.48 -6.24
N ASN A 311 31.80 -3.42 -5.29
CA ASN A 311 30.97 -3.56 -4.08
C ASN A 311 31.33 -2.41 -3.15
N LEU A 312 30.94 -1.20 -3.55
CA LEU A 312 31.30 0.00 -2.80
C LEU A 312 30.10 0.91 -2.75
N PHE A 313 29.70 1.28 -1.55
CA PHE A 313 28.53 2.10 -1.33
C PHE A 313 28.91 3.34 -0.55
N ALA A 314 28.09 4.38 -0.70
CA ALA A 314 28.26 5.59 0.08
C ALA A 314 26.90 6.07 0.54
N ALA A 315 26.88 6.68 1.71
CA ALA A 315 25.67 7.22 2.33
C ALA A 315 25.97 8.61 2.86
N ALA A 316 25.03 9.52 2.65
CA ALA A 316 25.11 10.90 3.14
C ALA A 316 24.11 11.04 4.28
N HIS A 317 24.54 11.65 5.39
CA HIS A 317 23.69 11.75 6.56
C HIS A 317 23.93 13.09 7.25
N ASP A 318 23.25 13.28 8.39
CA ASP A 318 23.29 14.56 9.08
C ASP A 318 24.71 14.97 9.48
N SER A 319 25.65 14.02 9.61
CA SER A 319 26.97 14.31 10.15
C SER A 319 28.10 14.12 9.13
N GLY A 320 27.76 13.86 7.87
CA GLY A 320 28.79 13.66 6.87
C GLY A 320 28.48 12.49 5.96
N VAL A 321 29.52 11.82 5.50
CA VAL A 321 29.41 10.75 4.50
C VAL A 321 30.22 9.53 4.96
N MET A 322 29.72 8.37 4.59
CA MET A 322 30.43 7.13 4.84
C MET A 322 30.53 6.34 3.54
N VAL A 323 31.70 5.74 3.31
CA VAL A 323 31.92 4.81 2.22
C VAL A 323 32.10 3.44 2.83
N PHE A 324 31.41 2.44 2.30
CA PHE A 324 31.44 1.13 2.95
C PHE A 324 31.19 0.02 1.95
N LYS A 325 31.64 -1.17 2.34
CA LYS A 325 31.35 -2.42 1.66
C LYS A 325 30.32 -3.18 2.48
N LEU A 326 29.58 -4.05 1.81
CA LEU A 326 28.58 -4.90 2.44
C LEU A 326 29.06 -6.34 2.34
N GLU A 327 29.20 -7.02 3.47
CA GLU A 327 29.62 -8.42 3.49
C GLU A 327 28.59 -9.25 4.25
N SER A 328 28.50 -10.53 3.89
CA SER A 328 27.62 -11.42 4.63
C SER A 328 28.06 -11.51 6.09
N ALA A 329 27.09 -11.66 6.97
CA ALA A 329 27.39 -11.78 8.39
C ALA A 329 28.35 -12.94 8.63
N TRP A 330 29.33 -12.69 9.50
CA TRP A 330 30.32 -13.66 9.96
C TRP A 330 31.21 -14.15 8.83
N SER A 331 31.57 -13.23 7.95
CA SER A 331 32.56 -13.45 6.90
C SER A 331 33.91 -12.92 7.38
N MET B 1 8.46 6.01 46.29
CA MET B 1 7.09 5.50 46.38
C MET B 1 7.01 4.25 47.22
N GLU B 2 5.80 3.94 47.68
CA GLU B 2 5.56 2.76 48.48
C GLU B 2 4.50 1.89 47.83
N MET B 3 4.65 0.59 48.04
CA MET B 3 3.66 -0.41 47.67
C MET B 3 2.73 -0.64 48.85
N LEU B 4 1.43 -0.46 48.63
CA LEU B 4 0.42 -0.83 49.61
C LEU B 4 -0.27 -2.09 49.07
N THR B 5 0.07 -3.24 49.65
CA THR B 5 -0.44 -4.51 49.16
C THR B 5 -1.87 -4.74 49.65
N LYS B 6 -2.78 -4.99 48.71
CA LYS B 6 -4.17 -5.26 49.05
C LYS B 6 -4.47 -6.75 49.12
N PHE B 7 -3.68 -7.56 48.43
CA PHE B 7 -3.97 -8.98 48.29
C PHE B 7 -2.71 -9.65 47.78
N GLU B 8 -2.43 -10.83 48.33
CA GLU B 8 -1.37 -11.69 47.85
C GLU B 8 -1.93 -13.10 47.76
N SER B 9 -1.56 -13.79 46.70
CA SER B 9 -1.82 -15.22 46.57
C SER B 9 -0.47 -15.93 46.59
N ARG B 10 -0.41 -17.03 47.31
CA ARG B 10 0.77 -17.88 47.37
C ARG B 10 0.48 -19.09 46.50
N SER B 11 1.29 -19.29 45.48
CA SER B 11 1.02 -20.35 44.52
C SER B 11 2.34 -20.70 43.86
N SER B 12 2.29 -21.74 43.02
CA SER B 12 3.39 -21.99 42.12
C SER B 12 3.47 -20.82 41.14
N ARG B 13 4.49 -20.85 40.31
CA ARG B 13 4.81 -19.73 39.42
C ARG B 13 3.58 -19.22 38.69
N ALA B 14 3.30 -17.94 38.85
CA ALA B 14 2.25 -17.27 38.09
C ALA B 14 2.84 -16.61 36.84
N LYS B 15 2.10 -16.69 35.74
CA LYS B 15 2.51 -16.08 34.48
C LYS B 15 1.67 -14.89 34.07
N GLY B 16 0.34 -14.97 34.17
CA GLY B 16 -0.51 -13.88 33.76
C GLY B 16 -1.50 -13.49 34.83
N VAL B 17 -1.94 -12.23 34.77
CA VAL B 17 -2.99 -11.71 35.62
C VAL B 17 -3.88 -10.80 34.79
N ALA B 18 -5.18 -10.79 35.09
CA ALA B 18 -6.12 -9.94 34.37
C ALA B 18 -7.13 -9.36 35.35
N PHE B 19 -7.27 -8.03 35.35
CA PHE B 19 -8.27 -7.38 36.18
C PHE B 19 -9.63 -7.42 35.49
N HIS B 20 -10.68 -7.75 36.25
CA HIS B 20 -12.05 -7.54 35.77
C HIS B 20 -12.37 -6.05 35.84
N PRO B 21 -12.97 -5.47 34.80
CA PRO B 21 -13.06 -3.99 34.75
C PRO B 21 -14.05 -3.40 35.75
N THR B 22 -15.00 -4.16 36.26
CA THR B 22 -16.01 -3.62 37.16
C THR B 22 -16.21 -4.43 38.43
N GLN B 23 -15.87 -5.65 38.45
CA GLN B 23 -15.91 -6.46 39.66
C GLN B 23 -14.51 -6.54 40.27
N PRO B 24 -14.40 -6.76 41.61
CA PRO B 24 -13.10 -6.86 42.29
C PRO B 24 -12.43 -8.21 42.12
N TRP B 25 -12.31 -8.66 40.87
CA TRP B 25 -11.78 -9.96 40.56
C TRP B 25 -10.48 -9.83 39.79
N ILE B 26 -9.59 -10.81 39.97
CA ILE B 26 -8.49 -11.04 39.05
C ILE B 26 -8.54 -12.51 38.62
N LEU B 27 -8.21 -12.75 37.35
CA LEU B 27 -7.81 -14.07 36.90
C LEU B 27 -6.29 -14.15 36.99
N THR B 28 -5.78 -15.30 37.42
CA THR B 28 -4.36 -15.60 37.37
C THR B 28 -4.15 -16.88 36.57
N SER B 29 -3.17 -16.88 35.69
CA SER B 29 -2.83 -18.04 34.89
C SER B 29 -1.47 -18.55 35.34
N LEU B 30 -1.40 -19.84 35.62
CA LEU B 30 -0.27 -20.42 36.33
C LEU B 30 0.59 -21.29 35.42
N HIS B 31 1.84 -21.46 35.85
CA HIS B 31 2.79 -22.32 35.15
C HIS B 31 2.36 -23.77 35.17
N ASN B 32 1.57 -24.18 36.16
CA ASN B 32 1.10 -25.55 36.24
C ASN B 32 -0.12 -25.83 35.37
N GLY B 33 -0.64 -24.83 34.66
CA GLY B 33 -1.74 -25.04 33.73
C GLY B 33 -3.10 -24.62 34.26
N ARG B 34 -3.18 -24.23 35.51
CA ARG B 34 -4.45 -23.89 36.14
C ARG B 34 -4.69 -22.38 36.08
N ILE B 35 -5.97 -22.01 36.03
CA ILE B 35 -6.39 -20.62 36.07
C ILE B 35 -7.25 -20.44 37.30
N GLN B 36 -6.93 -19.45 38.11
CA GLN B 36 -7.68 -19.16 39.32
C GLN B 36 -8.43 -17.85 39.16
N LEU B 37 -9.65 -17.80 39.67
CA LEU B 37 -10.42 -16.56 39.74
C LEU B 37 -10.50 -16.15 41.20
N TRP B 38 -10.01 -14.96 41.51
CA TRP B 38 -9.94 -14.46 42.88
C TRP B 38 -10.75 -13.19 43.03
N ASP B 39 -11.46 -13.07 44.15
CA ASP B 39 -11.99 -11.78 44.61
C ASP B 39 -10.94 -11.18 45.54
N TYR B 40 -10.31 -10.09 45.10
CA TYR B 40 -9.18 -9.55 45.86
C TYR B 40 -9.58 -8.56 46.93
N ARG B 41 -10.85 -8.18 47.01
CA ARG B 41 -11.30 -7.41 48.16
C ARG B 41 -11.60 -8.34 49.33
N MET B 42 -12.26 -9.46 49.04
CA MET B 42 -12.60 -10.44 50.05
C MET B 42 -11.42 -11.33 50.38
N GLY B 43 -10.51 -11.53 49.43
CA GLY B 43 -9.42 -12.45 49.59
C GLY B 43 -9.78 -13.89 49.37
N THR B 44 -10.80 -14.18 48.57
CA THR B 44 -11.32 -15.53 48.42
C THR B 44 -11.14 -16.03 47.00
N LEU B 45 -10.82 -17.31 46.89
CA LEU B 45 -10.79 -18.00 45.61
C LEU B 45 -12.22 -18.31 45.18
N LEU B 46 -12.64 -17.73 44.06
CA LEU B 46 -14.00 -17.94 43.58
C LEU B 46 -14.11 -19.20 42.73
N ASP B 47 -13.06 -19.54 41.98
CA ASP B 47 -13.15 -20.68 41.08
C ASP B 47 -11.78 -21.02 40.56
N ARG B 48 -11.69 -22.21 39.97
CA ARG B 48 -10.51 -22.74 39.32
C ARG B 48 -10.95 -23.22 37.95
N PHE B 49 -10.09 -23.03 36.95
CA PHE B 49 -10.40 -23.47 35.59
C PHE B 49 -9.21 -24.26 35.08
N ASP B 50 -9.46 -25.49 34.63
CA ASP B 50 -8.42 -26.40 34.16
C ASP B 50 -8.74 -26.83 32.74
N GLY B 51 -8.15 -26.15 31.77
CA GLY B 51 -8.37 -26.48 30.38
C GLY B 51 -7.12 -26.46 29.52
N HIS B 52 -5.95 -26.47 30.16
CA HIS B 52 -4.68 -26.42 29.45
C HIS B 52 -3.74 -27.50 29.99
N ASP B 53 -2.82 -27.95 29.14
CA ASP B 53 -1.71 -28.79 29.55
C ASP B 53 -0.44 -27.95 29.41
N GLY B 54 0.24 -27.72 30.54
CA GLY B 54 1.41 -26.89 30.53
C GLY B 54 1.06 -25.46 30.86
N PRO B 55 2.08 -24.60 30.92
CA PRO B 55 1.87 -23.23 31.41
C PRO B 55 0.82 -22.49 30.60
N VAL B 56 0.15 -21.56 31.28
CA VAL B 56 -0.82 -20.65 30.68
C VAL B 56 -0.30 -19.24 30.89
N ARG B 57 0.18 -18.63 29.81
CA ARG B 57 0.75 -17.29 29.82
C ARG B 57 -0.27 -16.22 29.46
N GLY B 58 -1.25 -16.53 28.62
CA GLY B 58 -2.22 -15.55 28.17
C GLY B 58 -3.50 -15.69 28.96
N ILE B 59 -4.04 -14.55 29.41
CA ILE B 59 -5.28 -14.52 30.16
C ILE B 59 -5.86 -13.11 30.08
N ALA B 60 -7.16 -13.00 29.81
CA ALA B 60 -7.78 -11.69 29.69
C ALA B 60 -9.28 -11.83 29.84
N PHE B 61 -9.91 -10.85 30.49
CA PHE B 61 -11.36 -10.75 30.52
C PHE B 61 -11.87 -9.99 29.31
N HIS B 62 -13.06 -10.34 28.85
CA HIS B 62 -13.76 -9.43 27.96
C HIS B 62 -14.25 -8.24 28.77
N PRO B 63 -14.22 -7.03 28.22
CA PRO B 63 -14.59 -5.86 29.03
C PRO B 63 -16.06 -5.79 29.39
N THR B 64 -16.95 -6.47 28.66
CA THR B 64 -18.38 -6.37 28.97
C THR B 64 -19.08 -7.72 28.94
N GLN B 65 -18.67 -8.61 28.03
CA GLN B 65 -19.30 -9.92 27.94
C GLN B 65 -18.79 -10.84 29.05
N PRO B 66 -19.57 -11.85 29.39
CA PRO B 66 -19.20 -12.76 30.51
C PRO B 66 -18.16 -13.79 30.12
N LEU B 67 -17.11 -13.35 29.42
CA LEU B 67 -16.13 -14.24 28.84
C LEU B 67 -14.74 -13.93 29.35
N PHE B 68 -13.87 -14.93 29.30
CA PHE B 68 -12.44 -14.67 29.35
C PHE B 68 -11.75 -15.61 28.38
N VAL B 69 -10.50 -15.30 28.10
CA VAL B 69 -9.72 -16.04 27.13
C VAL B 69 -8.39 -16.39 27.78
N SER B 70 -7.87 -17.57 27.43
CA SER B 70 -6.61 -18.08 27.95
C SER B 70 -5.79 -18.64 26.81
N GLY B 71 -4.48 -18.60 26.97
CA GLY B 71 -3.58 -19.02 25.91
C GLY B 71 -2.45 -19.82 26.52
N GLY B 72 -2.19 -21.02 26.00
CA GLY B 72 -1.31 -21.96 26.66
C GLY B 72 -0.09 -22.37 25.85
N ASP B 73 0.85 -22.99 26.56
CA ASP B 73 1.95 -23.68 25.90
C ASP B 73 1.48 -24.87 25.09
N ASP B 74 0.22 -25.30 25.24
CA ASP B 74 -0.36 -26.35 24.41
C ASP B 74 -0.90 -25.80 23.09
N TYR B 75 -0.64 -24.53 22.81
CA TYR B 75 -0.92 -23.84 21.56
C TYR B 75 -2.39 -23.45 21.45
N LYS B 76 -3.21 -23.72 22.46
CA LYS B 76 -4.64 -23.44 22.39
C LYS B 76 -4.96 -22.04 22.88
N VAL B 77 -5.92 -21.41 22.23
CA VAL B 77 -6.57 -20.19 22.72
C VAL B 77 -7.98 -20.60 23.12
N ASN B 78 -8.26 -20.60 24.42
CA ASN B 78 -9.52 -21.12 24.94
C ASN B 78 -10.44 -19.98 25.32
N VAL B 79 -11.71 -20.13 24.97
CA VAL B 79 -12.72 -19.13 25.28
C VAL B 79 -13.68 -19.72 26.30
N TRP B 80 -13.86 -18.99 27.40
CA TRP B 80 -14.58 -19.45 28.57
C TRP B 80 -15.73 -18.49 28.89
N ASN B 81 -16.81 -19.03 29.44
CA ASN B 81 -17.89 -18.23 30.03
C ASN B 81 -17.77 -18.37 31.54
N TYR B 82 -17.43 -17.28 32.24
CA TYR B 82 -17.20 -17.40 33.67
C TYR B 82 -18.49 -17.34 34.48
N LYS B 83 -19.62 -17.01 33.86
CA LYS B 83 -20.87 -17.07 34.61
C LYS B 83 -21.41 -18.49 34.63
N SER B 84 -21.42 -19.16 33.47
CA SER B 84 -21.75 -20.57 33.39
C SER B 84 -20.59 -21.48 33.74
N ARG B 85 -19.36 -20.95 33.80
CA ARG B 85 -18.21 -21.71 34.27
C ARG B 85 -17.85 -22.85 33.31
N LYS B 86 -18.03 -22.61 32.01
CA LYS B 86 -17.75 -23.61 31.00
C LYS B 86 -16.70 -23.12 30.02
N LEU B 87 -15.92 -24.07 29.51
CA LEU B 87 -15.06 -23.83 28.36
C LEU B 87 -15.94 -23.90 27.12
N LEU B 88 -16.11 -22.76 26.45
CA LEU B 88 -17.01 -22.73 25.29
C LEU B 88 -16.37 -23.43 24.08
N PHE B 89 -15.11 -23.13 23.79
CA PHE B 89 -14.47 -23.74 22.64
C PHE B 89 -12.99 -23.37 22.69
N SER B 90 -12.18 -24.14 21.95
CA SER B 90 -10.78 -23.84 21.78
C SER B 90 -10.57 -23.31 20.36
N LEU B 91 -9.79 -22.24 20.24
CA LEU B 91 -9.39 -21.72 18.95
C LEU B 91 -8.01 -22.29 18.64
N CYS B 92 -7.92 -23.08 17.58
CA CYS B 92 -6.72 -23.82 17.26
C CYS B 92 -6.17 -23.32 15.94
N GLY B 93 -4.85 -23.38 15.81
CA GLY B 93 -4.20 -22.82 14.66
C GLY B 93 -2.74 -22.52 14.92
N HIS B 94 -2.43 -21.96 16.08
CA HIS B 94 -1.04 -21.68 16.42
C HIS B 94 -0.24 -22.96 16.47
N MET B 95 1.04 -22.88 16.09
CA MET B 95 1.91 -24.05 16.02
C MET B 95 2.99 -24.06 17.10
N ASP B 96 2.92 -23.14 18.06
CA ASP B 96 3.88 -23.12 19.17
C ASP B 96 3.23 -22.35 20.31
N TYR B 97 3.97 -22.18 21.41
CA TYR B 97 3.40 -21.55 22.60
C TYR B 97 2.67 -20.27 22.27
N VAL B 98 1.50 -20.08 22.88
CA VAL B 98 0.81 -18.79 22.89
C VAL B 98 1.36 -17.95 24.03
N ARG B 99 1.79 -16.74 23.72
CA ARG B 99 2.41 -15.87 24.73
C ARG B 99 1.43 -14.87 25.32
N VAL B 100 0.49 -14.38 24.52
CA VAL B 100 -0.47 -13.39 24.96
C VAL B 100 -1.77 -13.62 24.23
N CYS B 101 -2.88 -13.32 24.89
CA CYS B 101 -4.17 -13.28 24.21
C CYS B 101 -5.05 -12.24 24.90
N THR B 102 -5.79 -11.47 24.10
CA THR B 102 -6.66 -10.44 24.65
C THR B 102 -7.91 -10.28 23.80
N PHE B 103 -8.89 -9.56 24.35
CA PHE B 103 -10.10 -9.17 23.64
C PHE B 103 -10.02 -7.72 23.15
N HIS B 104 -10.56 -7.48 21.96
CA HIS B 104 -10.80 -6.11 21.53
C HIS B 104 -12.00 -5.54 22.27
N HIS B 105 -11.97 -4.23 22.51
CA HIS B 105 -12.96 -3.57 23.35
C HIS B 105 -14.28 -3.31 22.64
N GLU B 106 -14.30 -3.36 21.30
CA GLU B 106 -15.44 -2.96 20.50
C GLU B 106 -15.82 -4.03 19.48
N TYR B 107 -14.88 -4.50 18.78
CA TYR B 107 -15.10 -5.51 17.76
C TYR B 107 -15.04 -6.90 18.38
N PRO B 108 -15.75 -7.87 17.79
CA PRO B 108 -15.83 -9.21 18.40
C PRO B 108 -14.58 -10.04 18.14
N TRP B 109 -13.43 -9.51 18.54
CA TRP B 109 -12.13 -10.03 18.15
C TRP B 109 -11.33 -10.48 19.36
N ILE B 110 -10.55 -11.54 19.14
CA ILE B 110 -9.48 -11.95 20.04
C ILE B 110 -8.16 -11.78 19.31
N LEU B 111 -7.14 -11.34 20.03
CA LEU B 111 -5.77 -11.22 19.54
C LEU B 111 -4.92 -12.26 20.26
N SER B 112 -4.04 -12.94 19.53
CA SER B 112 -3.09 -13.84 20.16
C SER B 112 -1.78 -13.76 19.39
N CYS B 113 -0.69 -14.07 20.09
CA CYS B 113 0.61 -14.16 19.44
C CYS B 113 1.35 -15.35 20.00
N SER B 114 2.37 -15.79 19.29
CA SER B 114 2.90 -17.14 19.49
C SER B 114 4.38 -17.23 19.16
N ASP B 115 5.03 -18.23 19.77
CA ASP B 115 6.39 -18.57 19.38
C ASP B 115 6.46 -19.02 17.92
N ASP B 116 5.33 -19.32 17.29
CA ASP B 116 5.30 -19.72 15.88
C ASP B 116 5.51 -18.54 14.93
N GLN B 117 5.79 -17.35 15.47
CA GLN B 117 6.20 -16.12 14.76
C GLN B 117 5.01 -15.38 14.16
N THR B 118 3.79 -15.70 14.56
CA THR B 118 2.61 -15.08 14.00
C THR B 118 1.77 -14.43 15.10
N ILE B 119 1.00 -13.43 14.69
CA ILE B 119 -0.10 -12.89 15.47
C ILE B 119 -1.37 -13.28 14.75
N ARG B 120 -2.35 -13.81 15.48
CA ARG B 120 -3.62 -14.17 14.88
C ARG B 120 -4.70 -13.30 15.50
N ILE B 121 -5.65 -12.89 14.66
CA ILE B 121 -6.88 -12.24 15.08
C ILE B 121 -8.01 -13.20 14.78
N TRP B 122 -8.82 -13.46 15.79
CA TRP B 122 -9.96 -14.36 15.68
C TRP B 122 -11.25 -13.59 15.95
N ASN B 123 -12.32 -14.00 15.27
CA ASN B 123 -13.66 -13.52 15.57
C ASN B 123 -14.31 -14.52 16.51
N TRP B 124 -14.61 -14.08 17.74
CA TRP B 124 -15.14 -15.04 18.71
C TRP B 124 -16.62 -15.31 18.53
N GLN B 125 -17.31 -14.53 17.69
CA GLN B 125 -18.70 -14.87 17.37
C GLN B 125 -18.78 -15.98 16.32
N SER B 126 -17.92 -15.91 15.30
CA SER B 126 -17.87 -16.93 14.24
C SER B 126 -16.90 -18.06 14.54
N ARG B 127 -15.99 -17.87 15.49
CA ARG B 127 -14.97 -18.86 15.86
C ARG B 127 -13.98 -19.12 14.74
N ASN B 128 -13.78 -18.13 13.87
CA ASN B 128 -12.81 -18.20 12.79
C ASN B 128 -11.61 -17.32 13.07
N CYS B 129 -10.47 -17.73 12.53
CA CYS B 129 -9.31 -16.86 12.44
C CYS B 129 -9.50 -15.94 11.24
N ILE B 130 -9.54 -14.62 11.49
CA ILE B 130 -9.82 -13.65 10.42
C ILE B 130 -8.56 -12.96 9.90
N ALA B 131 -7.41 -13.20 10.49
CA ALA B 131 -6.17 -12.64 9.96
C ALA B 131 -5.01 -13.34 10.64
N ILE B 132 -3.94 -13.55 9.88
CA ILE B 132 -2.67 -14.07 10.39
C ILE B 132 -1.62 -13.04 9.99
N LEU B 133 -0.98 -12.44 10.98
CA LEU B 133 -0.04 -11.34 10.75
C LEU B 133 1.36 -11.93 10.79
N THR B 134 1.98 -12.06 9.62
CA THR B 134 3.31 -12.64 9.49
C THR B 134 4.34 -11.57 9.20
N GLY B 135 5.59 -11.89 9.50
CA GLY B 135 6.69 -10.99 9.24
C GLY B 135 7.78 -11.06 10.30
N HIS B 136 7.40 -11.25 11.56
CA HIS B 136 8.41 -11.48 12.58
C HIS B 136 9.21 -12.74 12.24
N SER B 137 10.50 -12.75 12.61
CA SER B 137 11.36 -13.87 12.29
C SER B 137 11.81 -14.64 13.51
N HIS B 138 11.09 -14.51 14.62
CA HIS B 138 11.36 -15.26 15.85
C HIS B 138 10.10 -15.16 16.69
N TYR B 139 10.17 -15.64 17.94
CA TYR B 139 8.99 -15.71 18.77
C TYR B 139 8.33 -14.34 18.88
N VAL B 140 7.00 -14.29 18.80
CA VAL B 140 6.28 -13.06 19.09
C VAL B 140 5.87 -13.13 20.57
N MET B 141 6.44 -12.25 21.36
CA MET B 141 6.36 -12.38 22.80
C MET B 141 5.19 -11.61 23.38
N CYS B 142 4.64 -10.65 22.62
CA CYS B 142 3.58 -9.79 23.10
C CYS B 142 2.90 -9.16 21.89
N ALA B 143 1.62 -8.83 22.05
CA ALA B 143 0.86 -8.07 21.06
C ALA B 143 -0.27 -7.41 21.84
N ALA B 144 -0.65 -6.20 21.42
CA ALA B 144 -1.73 -5.47 22.05
C ALA B 144 -2.49 -4.67 21.02
N PHE B 145 -3.80 -4.56 21.20
CA PHE B 145 -4.60 -3.61 20.44
C PHE B 145 -4.38 -2.19 20.97
N HIS B 146 -4.40 -1.22 20.06
CA HIS B 146 -4.47 0.18 20.47
C HIS B 146 -5.86 0.50 21.02
N PRO B 147 -5.97 1.38 22.02
CA PRO B 147 -7.29 1.61 22.63
C PRO B 147 -8.25 2.45 21.80
N SER B 148 -7.81 3.13 20.75
CA SER B 148 -8.72 3.99 20.02
C SER B 148 -8.45 4.05 18.52
N GLU B 149 -7.33 3.48 18.07
CA GLU B 149 -7.01 3.43 16.65
C GLU B 149 -6.91 1.98 16.19
N ASP B 150 -6.99 1.80 14.88
CA ASP B 150 -6.93 0.47 14.28
C ASP B 150 -5.49 0.01 14.11
N LEU B 151 -4.81 -0.14 15.25
CA LEU B 151 -3.41 -0.52 15.28
C LEU B 151 -3.21 -1.68 16.25
N ILE B 152 -2.20 -2.49 15.95
CA ILE B 152 -1.63 -3.45 16.87
C ILE B 152 -0.14 -3.15 17.02
N VAL B 153 0.39 -3.36 18.22
CA VAL B 153 1.83 -3.35 18.46
C VAL B 153 2.24 -4.72 18.96
N SER B 154 3.41 -5.19 18.51
CA SER B 154 3.93 -6.51 18.86
C SER B 154 5.42 -6.43 19.14
N ALA B 155 5.90 -7.35 19.96
CA ALA B 155 7.31 -7.43 20.31
C ALA B 155 7.81 -8.84 20.06
N SER B 156 9.04 -8.98 19.57
CA SER B 156 9.53 -10.27 19.13
C SER B 156 10.99 -10.45 19.55
N LEU B 157 11.37 -11.70 19.74
CA LEU B 157 12.77 -12.03 19.95
C LEU B 157 13.63 -11.78 18.72
N ASP B 158 13.03 -11.38 17.59
CA ASP B 158 13.81 -10.95 16.43
C ASP B 158 14.34 -9.52 16.61
N GLN B 159 14.13 -8.93 17.78
CA GLN B 159 14.68 -7.64 18.21
C GLN B 159 13.88 -6.46 17.68
N THR B 160 12.69 -6.69 17.12
CA THR B 160 11.88 -5.59 16.61
C THR B 160 10.59 -5.45 17.40
N VAL B 161 10.10 -4.22 17.40
CA VAL B 161 8.75 -3.86 17.83
C VAL B 161 8.02 -3.44 16.56
N ARG B 162 6.89 -4.06 16.27
CA ARG B 162 6.17 -3.78 15.03
C ARG B 162 4.82 -3.16 15.36
N VAL B 163 4.45 -2.15 14.59
CA VAL B 163 3.11 -1.56 14.62
C VAL B 163 2.42 -1.96 13.33
N TRP B 164 1.21 -2.50 13.45
CA TRP B 164 0.46 -3.00 12.31
C TRP B 164 -0.83 -2.20 12.14
N ASP B 165 -1.19 -1.95 10.89
CA ASP B 165 -2.38 -1.19 10.53
C ASP B 165 -3.45 -2.21 10.18
N ILE B 166 -4.50 -2.28 10.99
CA ILE B 166 -5.60 -3.21 10.75
C ILE B 166 -6.87 -2.48 10.35
N SER B 167 -6.73 -1.27 9.81
CA SER B 167 -7.89 -0.51 9.37
C SER B 167 -8.69 -1.29 8.34
N GLY B 168 -8.02 -2.08 7.49
CA GLY B 168 -8.70 -2.92 6.53
C GLY B 168 -9.67 -3.87 7.19
N LEU B 169 -9.14 -4.72 8.07
CA LEU B 169 -9.98 -5.67 8.80
C LEU B 169 -11.15 -4.97 9.46
N ARG B 170 -10.92 -3.79 10.05
CA ARG B 170 -11.97 -3.10 10.79
C ARG B 170 -13.09 -2.66 9.86
N MET B 171 -12.74 -2.16 8.67
CA MET B 171 -13.75 -1.69 7.73
C MET B 171 -14.61 -2.85 7.26
N LYS B 172 -14.00 -4.01 7.03
CA LYS B 172 -14.75 -5.19 6.63
C LYS B 172 -15.72 -5.63 7.72
N ASN B 173 -15.43 -5.31 8.98
CA ASN B 173 -16.35 -5.64 10.06
C ASN B 173 -17.47 -4.62 10.18
N ALA B 174 -17.16 -3.33 10.12
CA ALA B 174 -18.19 -2.30 10.27
C ALA B 174 -19.13 -2.28 9.07
N ALA B 175 -18.60 -2.40 7.85
CA ALA B 175 -19.37 -2.39 6.61
C ALA B 175 -19.06 -3.68 5.87
N PRO B 176 -19.65 -4.81 6.27
CA PRO B 176 -19.33 -6.09 5.61
C PRO B 176 -19.64 -6.05 4.13
N VAL B 177 -18.73 -6.62 3.33
CA VAL B 177 -19.01 -6.83 1.92
C VAL B 177 -20.15 -7.83 1.77
N SER B 178 -20.92 -7.68 0.69
CA SER B 178 -21.97 -8.63 0.40
C SER B 178 -21.43 -9.83 -0.36
N MET B 179 -21.85 -11.02 0.04
CA MET B 179 -21.37 -12.25 -0.56
C MET B 179 -22.54 -13.20 -0.81
N SER B 180 -22.33 -14.12 -1.75
CA SER B 180 -23.35 -15.08 -2.17
C SER B 180 -24.21 -15.60 -1.01
N ASP B 201 -5.70 -5.65 4.45
CA ASP B 201 -6.37 -6.18 5.64
C ASP B 201 -5.63 -5.83 6.92
N ALA B 202 -4.40 -6.32 7.01
CA ALA B 202 -3.51 -6.01 8.12
C ALA B 202 -2.11 -5.94 7.53
N ILE B 203 -1.48 -4.76 7.60
CA ILE B 203 -0.15 -4.58 7.04
C ILE B 203 0.73 -3.92 8.10
N VAL B 204 2.00 -4.30 8.10
CA VAL B 204 2.92 -3.69 9.06
C VAL B 204 3.14 -2.24 8.64
N LYS B 205 3.10 -1.35 9.63
CA LYS B 205 3.27 0.08 9.40
C LYS B 205 4.67 0.54 9.79
N PHE B 206 5.14 0.14 10.97
CA PHE B 206 6.47 0.45 11.45
C PHE B 206 7.16 -0.83 11.89
N VAL B 207 8.42 -1.00 11.51
CA VAL B 207 9.29 -2.01 12.10
C VAL B 207 10.36 -1.25 12.88
N LEU B 208 10.13 -1.11 14.18
CA LEU B 208 10.95 -0.26 15.03
C LEU B 208 12.22 -1.01 15.42
N GLU B 209 13.35 -0.43 15.05
CA GLU B 209 14.65 -0.99 15.36
C GLU B 209 15.30 -0.10 16.41
N GLY B 210 16.02 -0.71 17.32
CA GLY B 210 16.60 0.01 18.43
C GLY B 210 17.03 -0.93 19.52
N HIS B 211 16.22 -1.95 19.81
CA HIS B 211 16.65 -2.99 20.73
C HIS B 211 17.73 -3.83 20.07
N ASP B 212 18.76 -4.18 20.83
CA ASP B 212 19.83 -4.99 20.29
C ASP B 212 19.81 -6.41 20.82
N ARG B 213 18.76 -6.79 21.56
CA ARG B 213 18.46 -8.18 21.92
C ARG B 213 16.96 -8.40 21.75
N GLY B 214 16.48 -9.60 22.06
CA GLY B 214 15.06 -9.89 21.88
C GLY B 214 14.17 -8.99 22.72
N VAL B 215 12.96 -8.75 22.23
CA VAL B 215 11.99 -7.87 22.90
C VAL B 215 10.88 -8.75 23.46
N ASN B 216 10.59 -8.59 24.76
CA ASN B 216 9.62 -9.44 25.43
C ASN B 216 8.24 -8.81 25.61
N TRP B 217 8.12 -7.49 25.54
CA TRP B 217 6.87 -6.85 25.89
C TRP B 217 6.75 -5.52 25.17
N CYS B 218 5.50 -5.11 24.95
CA CYS B 218 5.19 -3.84 24.31
C CYS B 218 3.83 -3.38 24.83
N ALA B 219 3.65 -2.07 24.92
CA ALA B 219 2.41 -1.52 25.43
C ALA B 219 2.17 -0.14 24.85
N PHE B 220 0.88 0.17 24.64
CA PHE B 220 0.41 1.50 24.28
C PHE B 220 0.02 2.27 25.54
N HIS B 221 0.30 3.57 25.53
CA HIS B 221 -0.28 4.46 26.53
C HIS B 221 -1.77 4.61 26.25
N PRO B 222 -2.63 4.64 27.28
CA PRO B 222 -4.06 4.70 27.00
C PRO B 222 -4.54 5.97 26.30
N THR B 223 -3.84 7.10 26.45
CA THR B 223 -4.32 8.36 25.88
C THR B 223 -3.26 9.15 25.13
N LEU B 224 -2.01 8.90 25.35
CA LEU B 224 -0.91 9.56 24.66
C LEU B 224 -0.38 8.69 23.52
N PRO B 225 0.14 9.31 22.43
CA PRO B 225 0.66 8.56 21.27
C PRO B 225 2.06 7.98 21.52
N LEU B 226 2.15 7.12 22.53
CA LEU B 226 3.42 6.60 23.00
C LEU B 226 3.37 5.09 23.12
N ILE B 227 4.54 4.47 22.99
CA ILE B 227 4.72 3.03 23.04
C ILE B 227 5.88 2.75 23.98
N LEU B 228 5.74 1.69 24.78
CA LEU B 228 6.78 1.17 25.64
C LEU B 228 7.18 -0.22 25.15
N SER B 229 8.46 -0.54 25.19
CA SER B 229 8.93 -1.88 24.85
C SER B 229 10.06 -2.25 25.78
N ALA B 230 10.25 -3.55 26.00
CA ALA B 230 11.27 -3.95 26.95
C ALA B 230 11.79 -5.34 26.62
N GLY B 231 13.05 -5.57 26.91
CA GLY B 231 13.61 -6.81 26.46
C GLY B 231 14.77 -7.40 27.22
N ASP B 232 15.35 -8.41 26.57
CA ASP B 232 16.51 -9.13 27.05
C ASP B 232 17.79 -8.31 27.05
N ASP B 233 17.75 -7.10 26.49
CA ASP B 233 18.85 -6.16 26.61
C ASP B 233 18.80 -5.38 27.92
N ARG B 234 17.84 -5.71 28.78
CA ARG B 234 17.62 -5.06 30.06
C ARG B 234 17.10 -3.63 29.92
N LEU B 235 16.57 -3.27 28.76
CA LEU B 235 16.17 -1.91 28.50
C LEU B 235 14.66 -1.77 28.37
N VAL B 236 14.14 -0.64 28.82
CA VAL B 236 12.78 -0.20 28.54
C VAL B 236 12.89 1.01 27.63
N LYS B 237 12.31 0.92 26.45
CA LYS B 237 12.40 1.98 25.46
C LYS B 237 11.04 2.65 25.32
N LEU B 238 11.05 3.97 25.23
CA LEU B 238 9.86 4.77 25.03
C LEU B 238 9.91 5.30 23.61
N TRP B 239 8.81 5.09 22.88
CA TRP B 239 8.70 5.53 21.49
C TRP B 239 7.52 6.48 21.35
N ARG B 240 7.63 7.42 20.43
CA ARG B 240 6.53 8.29 20.07
C ARG B 240 6.09 7.96 18.65
N MET B 241 4.80 7.99 18.41
CA MET B 241 4.28 7.72 17.07
C MET B 241 3.31 8.81 16.66
N THR B 242 3.38 9.23 15.39
CA THR B 242 2.36 10.04 14.78
C THR B 242 1.59 9.19 13.77
N ALA B 243 0.73 9.83 12.99
CA ALA B 243 0.01 9.12 11.94
C ALA B 243 0.96 8.56 10.88
N SER B 244 2.13 9.18 10.69
CA SER B 244 2.98 8.79 9.57
C SER B 244 4.41 8.44 9.95
N LYS B 245 4.83 8.61 11.19
CA LYS B 245 6.21 8.31 11.55
C LYS B 245 6.28 7.97 13.03
N ALA B 246 7.44 7.47 13.43
CA ALA B 246 7.70 7.10 14.81
C ALA B 246 9.18 7.34 15.09
N TRP B 247 9.50 7.44 16.37
CA TRP B 247 10.90 7.49 16.76
C TRP B 247 11.05 7.07 18.20
N GLU B 248 12.28 6.71 18.55
CA GLU B 248 12.64 6.42 19.92
C GLU B 248 12.86 7.74 20.66
N VAL B 249 12.18 7.89 21.79
CA VAL B 249 12.31 9.07 22.65
C VAL B 249 13.50 8.93 23.60
N ASP B 250 13.58 7.80 24.30
CA ASP B 250 14.57 7.64 25.36
C ASP B 250 14.54 6.18 25.81
N THR B 251 15.49 5.84 26.69
CA THR B 251 15.65 4.51 27.24
C THR B 251 15.78 4.59 28.76
N CYS B 252 15.07 3.70 29.45
CA CYS B 252 15.22 3.51 30.90
C CYS B 252 16.28 2.44 31.15
N ARG B 253 17.35 2.82 31.84
CA ARG B 253 18.48 1.94 32.07
C ARG B 253 18.61 1.66 33.56
N GLY B 254 18.78 0.38 33.92
CA GLY B 254 19.08 0.03 35.28
C GLY B 254 18.81 -1.42 35.65
N HIS B 255 17.80 -2.03 35.02
CA HIS B 255 17.56 -3.45 35.24
C HIS B 255 18.81 -4.25 34.94
N PHE B 256 19.07 -5.28 35.74
CA PHE B 256 20.27 -6.08 35.56
C PHE B 256 19.95 -7.53 35.16
N ASN B 257 18.77 -7.75 34.58
CA ASN B 257 18.40 -9.01 33.95
C ASN B 257 17.26 -8.70 32.98
N ASN B 258 16.76 -9.72 32.30
CA ASN B 258 15.74 -9.52 31.27
C ASN B 258 14.56 -8.76 31.86
N VAL B 259 14.02 -7.82 31.10
CA VAL B 259 12.80 -7.13 31.48
C VAL B 259 11.64 -7.92 30.88
N SER B 260 10.76 -8.41 31.75
CA SER B 260 9.68 -9.29 31.31
C SER B 260 8.43 -8.53 30.88
N CYS B 261 8.21 -7.32 31.41
CA CYS B 261 6.95 -6.62 31.23
C CYS B 261 7.14 -5.13 31.48
N CYS B 262 6.31 -4.30 30.84
CA CYS B 262 6.37 -2.86 31.05
C CYS B 262 5.00 -2.29 30.75
N LEU B 263 4.66 -1.18 31.39
CA LEU B 263 3.37 -0.55 31.15
C LEU B 263 3.42 0.91 31.57
N PHE B 264 2.47 1.67 31.05
CA PHE B 264 2.31 3.07 31.44
C PHE B 264 1.38 3.16 32.64
N HIS B 265 1.72 4.00 33.61
CA HIS B 265 0.76 4.38 34.64
C HIS B 265 -0.36 5.13 33.93
N PRO B 266 -1.63 4.72 34.05
CA PRO B 266 -2.69 5.40 33.28
C PRO B 266 -3.00 6.82 33.75
N HIS B 267 -2.69 7.19 35.00
CA HIS B 267 -3.11 8.49 35.51
C HIS B 267 -1.99 9.25 36.20
N GLN B 268 -0.73 8.82 36.03
CA GLN B 268 0.42 9.54 36.55
C GLN B 268 1.50 9.46 35.49
N GLU B 269 2.42 10.42 35.50
CA GLU B 269 3.48 10.50 34.49
C GLU B 269 4.62 9.55 34.89
N LEU B 270 4.31 8.26 34.83
CA LEU B 270 5.21 7.22 35.31
C LEU B 270 5.17 6.01 34.39
N ILE B 271 6.32 5.35 34.32
CA ILE B 271 6.54 4.09 33.62
C ILE B 271 6.81 3.02 34.67
N LEU B 272 6.30 1.82 34.44
CA LEU B 272 6.57 0.70 35.33
C LEU B 272 7.13 -0.46 34.51
N SER B 273 8.12 -1.15 35.07
CA SER B 273 8.72 -2.31 34.43
C SER B 273 8.92 -3.40 35.47
N ALA B 274 8.96 -4.64 35.00
CA ALA B 274 9.15 -5.79 35.87
C ALA B 274 10.19 -6.70 35.24
N SER B 275 10.98 -7.36 36.07
CA SER B 275 12.16 -8.00 35.53
C SER B 275 12.53 -9.26 36.30
N GLU B 276 13.23 -10.16 35.59
CA GLU B 276 13.85 -11.34 36.17
C GLU B 276 14.95 -10.99 37.17
N ASP B 277 15.33 -9.72 37.29
CA ASP B 277 16.26 -9.30 38.34
C ASP B 277 15.55 -9.17 39.69
N LYS B 278 14.27 -9.53 39.72
CA LYS B 278 13.43 -9.60 40.93
C LYS B 278 13.01 -8.22 41.41
N THR B 279 12.98 -7.25 40.51
CA THR B 279 12.48 -5.93 40.84
C THR B 279 11.35 -5.48 39.92
N ILE B 280 10.48 -4.66 40.50
CA ILE B 280 9.61 -3.75 39.77
C ILE B 280 10.22 -2.37 39.91
N ARG B 281 10.32 -1.64 38.81
CA ARG B 281 10.91 -0.31 38.82
C ARG B 281 9.94 0.71 38.26
N VAL B 282 9.91 1.87 38.91
CA VAL B 282 9.06 2.99 38.53
C VAL B 282 9.99 4.07 38.01
N TRP B 283 9.66 4.61 36.84
CA TRP B 283 10.47 5.62 36.19
C TRP B 283 9.63 6.85 35.87
N ASP B 284 10.31 7.98 35.78
CA ASP B 284 9.68 9.24 35.38
C ASP B 284 9.38 9.21 33.88
N LEU B 285 8.11 9.43 33.51
CA LEU B 285 7.74 9.37 32.10
C LEU B 285 8.45 10.43 31.27
N ASN B 286 8.75 11.57 31.87
CA ASN B 286 9.23 12.73 31.15
C ASN B 286 10.76 12.80 31.09
N ARG B 287 11.44 12.15 32.02
CA ARG B 287 12.89 12.18 32.12
C ARG B 287 13.52 10.79 32.11
N ARG B 288 12.73 9.74 32.31
CA ARG B 288 13.20 8.36 32.28
C ARG B 288 14.20 8.06 33.37
N THR B 289 14.22 8.87 34.43
CA THR B 289 15.05 8.57 35.58
C THR B 289 14.31 7.64 36.54
N ALA B 290 15.08 6.96 37.38
CA ALA B 290 14.51 6.06 38.36
C ALA B 290 13.78 6.84 39.43
N VAL B 291 12.60 6.36 39.78
CA VAL B 291 11.79 6.92 40.85
C VAL B 291 11.77 6.01 42.07
N GLN B 292 11.56 4.71 41.84
CA GLN B 292 11.49 3.78 42.95
C GLN B 292 11.74 2.39 42.41
N THR B 293 12.41 1.57 43.22
CA THR B 293 12.56 0.15 42.97
C THR B 293 11.90 -0.64 44.09
N PHE B 294 11.10 -1.64 43.73
CA PHE B 294 10.57 -2.62 44.67
C PHE B 294 11.18 -3.97 44.32
N ARG B 295 11.65 -4.70 45.31
CA ARG B 295 12.23 -6.00 45.02
C ARG B 295 11.66 -7.07 45.93
N ARG B 296 11.76 -8.30 45.44
CA ARG B 296 11.47 -9.52 46.19
C ARG B 296 12.73 -10.36 46.27
N ASP B 297 12.97 -10.94 47.45
CA ASP B 297 14.26 -11.58 47.70
C ASP B 297 14.50 -12.78 46.79
N ASN B 298 13.44 -13.54 46.49
CA ASN B 298 13.61 -14.82 45.80
C ASN B 298 12.84 -14.97 44.50
N ASP B 299 12.05 -13.98 44.11
CA ASP B 299 11.04 -14.15 43.08
C ASP B 299 11.35 -13.27 41.88
N ALA B 300 11.54 -13.90 40.71
CA ALA B 300 11.50 -13.16 39.45
C ALA B 300 10.08 -12.65 39.20
N PHE B 301 9.98 -11.50 38.55
CA PHE B 301 8.70 -10.96 38.11
C PHE B 301 8.52 -11.28 36.64
N TRP B 302 7.33 -11.78 36.29
CA TRP B 302 7.04 -12.19 34.92
C TRP B 302 6.05 -11.28 34.22
N PHE B 303 5.26 -10.52 34.96
CA PHE B 303 4.16 -9.77 34.35
C PHE B 303 3.63 -8.76 35.35
N ILE B 304 3.20 -7.61 34.82
CA ILE B 304 2.52 -6.60 35.61
C ILE B 304 1.37 -6.04 34.79
N THR B 305 0.31 -5.63 35.48
CA THR B 305 -0.83 -5.04 34.81
C THR B 305 -1.45 -3.99 35.74
N VAL B 306 -2.33 -3.20 35.15
CA VAL B 306 -2.99 -2.13 35.87
C VAL B 306 -4.48 -2.20 35.53
N HIS B 307 -5.29 -1.86 36.52
CA HIS B 307 -6.71 -1.69 36.30
C HIS B 307 -6.96 -0.48 35.40
N PRO B 308 -7.97 -0.53 34.54
CA PRO B 308 -8.22 0.63 33.66
C PRO B 308 -8.54 1.93 34.39
N LYS B 309 -9.27 1.88 35.50
CA LYS B 309 -9.70 3.08 36.18
C LYS B 309 -8.94 3.35 37.48
N LEU B 310 -8.76 2.34 38.30
CA LEU B 310 -8.30 2.52 39.67
C LEU B 310 -6.77 2.58 39.73
N ASN B 311 -6.26 3.20 40.80
CA ASN B 311 -4.86 3.07 41.21
C ASN B 311 -4.63 1.66 41.71
N LEU B 312 -4.76 0.65 40.84
CA LEU B 312 -4.63 -0.74 41.25
C LEU B 312 -3.73 -1.46 40.25
N PHE B 313 -2.70 -2.12 40.75
CA PHE B 313 -1.75 -2.86 39.93
C PHE B 313 -1.69 -4.30 40.43
N ALA B 314 -1.28 -5.21 39.54
CA ALA B 314 -0.99 -6.59 39.92
C ALA B 314 0.31 -7.04 39.27
N ALA B 315 1.01 -7.93 39.96
CA ALA B 315 2.24 -8.52 39.46
C ALA B 315 2.22 -10.04 39.67
N ALA B 316 2.65 -10.77 38.65
CA ALA B 316 2.84 -12.22 38.71
C ALA B 316 4.32 -12.50 38.90
N HIS B 317 4.65 -13.40 39.82
CA HIS B 317 6.05 -13.73 40.09
C HIS B 317 6.16 -15.21 40.40
N ASP B 318 7.38 -15.63 40.81
CA ASP B 318 7.69 -17.03 40.98
C ASP B 318 6.88 -17.70 42.08
N SER B 319 6.36 -16.92 43.03
CA SER B 319 5.64 -17.48 44.17
C SER B 319 4.18 -17.05 44.24
N GLY B 320 3.67 -16.40 43.21
CA GLY B 320 2.27 -16.02 43.25
C GLY B 320 1.99 -14.69 42.60
N VAL B 321 0.93 -14.05 43.07
CA VAL B 321 0.46 -12.78 42.53
C VAL B 321 0.24 -11.83 43.69
N MET B 322 0.41 -10.54 43.41
CA MET B 322 0.18 -9.51 44.40
C MET B 322 -0.60 -8.39 43.72
N VAL B 323 -1.63 -7.89 44.41
CA VAL B 323 -2.38 -6.71 43.99
C VAL B 323 -2.00 -5.58 44.93
N PHE B 324 -1.67 -4.41 44.37
CA PHE B 324 -1.15 -3.34 45.20
C PHE B 324 -1.51 -1.99 44.61
N LYS B 325 -1.53 -0.99 45.47
CA LYS B 325 -1.64 0.40 45.05
C LYS B 325 -0.25 1.03 45.15
N LEU B 326 -0.02 2.05 44.36
CA LEU B 326 1.25 2.76 44.34
C LEU B 326 1.02 4.18 44.88
N GLU B 327 1.63 4.48 46.02
CA GLU B 327 1.46 5.76 46.68
C GLU B 327 2.82 6.44 46.83
N SER B 328 2.79 7.76 46.95
CA SER B 328 4.01 8.50 47.22
C SER B 328 4.55 8.16 48.61
N ALA B 329 5.86 8.14 48.73
CA ALA B 329 6.48 7.89 50.01
C ALA B 329 6.13 9.00 51.00
N TRP B 330 6.15 8.66 52.28
CA TRP B 330 5.77 9.55 53.37
C TRP B 330 4.27 9.87 53.35
N SER B 331 3.46 8.97 52.79
CA SER B 331 2.01 9.14 52.75
C SER B 331 1.32 7.95 53.42
N MET C 1 -10.89 13.86 -6.41
CA MET C 1 -12.23 13.36 -6.12
C MET C 1 -12.16 12.19 -5.15
N GLU C 2 -13.31 11.91 -4.56
CA GLU C 2 -13.49 10.83 -3.61
C GLU C 2 -14.56 9.87 -4.12
N MET C 3 -14.33 8.60 -3.85
CA MET C 3 -15.30 7.56 -4.15
C MET C 3 -16.12 7.30 -2.89
N LEU C 4 -17.44 7.48 -2.99
CA LEU C 4 -18.35 7.10 -1.91
C LEU C 4 -18.95 5.76 -2.27
N THR C 5 -18.40 4.70 -1.72
CA THR C 5 -18.87 3.36 -2.03
C THR C 5 -20.20 3.11 -1.31
N LYS C 6 -21.22 2.74 -2.08
CA LYS C 6 -22.52 2.41 -1.52
C LYS C 6 -22.71 0.92 -1.31
N PHE C 7 -22.04 0.09 -2.11
CA PHE C 7 -22.25 -1.35 -2.11
C PHE C 7 -21.02 -2.00 -2.71
N GLU C 8 -20.62 -3.13 -2.13
CA GLU C 8 -19.53 -3.93 -2.66
C GLU C 8 -19.92 -5.40 -2.55
N SER C 9 -19.74 -6.17 -3.62
CA SER C 9 -19.85 -7.61 -3.54
C SER C 9 -18.47 -8.25 -3.64
N ARG C 10 -18.33 -9.42 -3.04
CA ARG C 10 -17.16 -10.28 -3.19
C ARG C 10 -17.59 -11.54 -3.94
N SER C 11 -16.82 -11.92 -4.95
CA SER C 11 -17.28 -13.00 -5.82
C SER C 11 -16.13 -13.45 -6.71
N SER C 12 -16.43 -14.44 -7.57
CA SER C 12 -15.60 -14.77 -8.72
C SER C 12 -15.35 -13.49 -9.50
N ARG C 13 -14.30 -13.47 -10.31
CA ARG C 13 -14.01 -12.31 -11.14
C ARG C 13 -15.26 -11.84 -11.88
N ALA C 14 -15.59 -10.57 -11.70
CA ALA C 14 -16.73 -9.98 -12.40
C ALA C 14 -16.28 -9.41 -13.73
N LYS C 15 -17.13 -9.57 -14.74
CA LYS C 15 -16.87 -9.07 -16.09
C LYS C 15 -17.82 -7.94 -16.49
N GLY C 16 -19.12 -8.07 -16.24
CA GLY C 16 -20.05 -7.01 -16.58
C GLY C 16 -20.93 -6.63 -15.40
N VAL C 17 -21.47 -5.41 -15.48
CA VAL C 17 -22.49 -4.96 -14.54
C VAL C 17 -23.46 -4.08 -15.31
N ALA C 18 -24.72 -4.09 -14.89
CA ALA C 18 -25.74 -3.27 -15.53
C ALA C 18 -26.68 -2.73 -14.48
N PHE C 19 -26.92 -1.42 -14.53
CA PHE C 19 -27.88 -0.77 -13.64
C PHE C 19 -29.29 -0.97 -14.15
N HIS C 20 -30.19 -1.35 -13.25
CA HIS C 20 -31.60 -1.26 -13.58
C HIS C 20 -32.02 0.21 -13.62
N PRO C 21 -32.87 0.60 -14.58
CA PRO C 21 -33.17 2.03 -14.73
C PRO C 21 -34.05 2.62 -13.64
N THR C 22 -34.90 1.84 -12.97
CA THR C 22 -35.79 2.40 -11.96
C THR C 22 -35.68 1.75 -10.60
N GLN C 23 -35.28 0.50 -10.52
CA GLN C 23 -35.05 -0.18 -9.26
C GLN C 23 -33.60 -0.05 -8.83
N PRO C 24 -33.33 -0.11 -7.51
CA PRO C 24 -31.95 -0.04 -7.00
C PRO C 24 -31.21 -1.36 -7.13
N TRP C 25 -31.17 -1.88 -8.36
CA TRP C 25 -30.57 -3.17 -8.64
C TRP C 25 -29.41 -3.04 -9.62
N ILE C 26 -28.52 -4.04 -9.56
CA ILE C 26 -27.52 -4.26 -10.60
C ILE C 26 -27.52 -5.75 -10.92
N LEU C 27 -27.35 -6.06 -12.19
CA LEU C 27 -26.92 -7.39 -12.61
C LEU C 27 -25.40 -7.38 -12.66
N THR C 28 -24.79 -8.49 -12.23
CA THR C 28 -23.37 -8.72 -12.43
C THR C 28 -23.20 -10.00 -13.22
N SER C 29 -22.30 -10.01 -14.20
CA SER C 29 -22.01 -11.21 -14.97
C SER C 29 -20.59 -11.62 -14.66
N LEU C 30 -20.39 -12.88 -14.29
CA LEU C 30 -19.15 -13.32 -13.69
C LEU C 30 -18.38 -14.27 -14.60
N HIS C 31 -17.09 -14.41 -14.25
CA HIS C 31 -16.21 -15.30 -14.99
C HIS C 31 -16.64 -16.75 -14.87
N ASN C 32 -17.18 -17.15 -13.72
CA ASN C 32 -17.68 -18.51 -13.52
C ASN C 32 -18.96 -18.80 -14.27
N GLY C 33 -19.48 -17.83 -15.01
CA GLY C 33 -20.66 -18.03 -15.81
C GLY C 33 -21.98 -17.73 -15.13
N ARG C 34 -21.95 -17.32 -13.86
CA ARG C 34 -23.17 -16.97 -13.14
C ARG C 34 -23.53 -15.51 -13.39
N ILE C 35 -24.83 -15.21 -13.23
CA ILE C 35 -25.32 -13.83 -13.26
C ILE C 35 -26.00 -13.56 -11.92
N GLN C 36 -25.58 -12.50 -11.24
CA GLN C 36 -26.14 -12.15 -9.94
C GLN C 36 -27.04 -10.94 -10.06
N LEU C 37 -28.13 -10.92 -9.30
CA LEU C 37 -28.99 -9.74 -9.21
C LEU C 37 -28.94 -9.25 -7.77
N TRP C 38 -28.44 -8.04 -7.59
CA TRP C 38 -28.22 -7.45 -6.28
C TRP C 38 -29.10 -6.22 -6.12
N ASP C 39 -29.59 -6.01 -4.89
CA ASP C 39 -30.15 -4.73 -4.47
C ASP C 39 -29.04 -4.01 -3.70
N TYR C 40 -28.52 -2.93 -4.28
CA TYR C 40 -27.36 -2.26 -3.69
C TYR C 40 -27.76 -1.27 -2.59
N ARG C 41 -29.05 -1.11 -2.33
CA ARG C 41 -29.48 -0.29 -1.20
C ARG C 41 -29.68 -1.13 0.05
N MET C 42 -30.10 -2.39 -0.10
CA MET C 42 -30.28 -3.29 1.03
C MET C 42 -29.08 -4.22 1.25
N GLY C 43 -28.25 -4.41 0.24
CA GLY C 43 -27.16 -5.36 0.37
C GLY C 43 -27.59 -6.81 0.22
N THR C 44 -28.56 -7.08 -0.65
CA THR C 44 -29.17 -8.40 -0.73
C THR C 44 -29.09 -8.97 -2.13
N LEU C 45 -28.63 -10.21 -2.23
CA LEU C 45 -28.69 -10.97 -3.47
C LEU C 45 -30.12 -11.43 -3.72
N LEU C 46 -30.80 -10.80 -4.68
CA LEU C 46 -32.19 -11.13 -4.94
C LEU C 46 -32.34 -12.39 -5.78
N ASP C 47 -31.38 -12.67 -6.67
CA ASP C 47 -31.54 -13.78 -7.59
C ASP C 47 -30.20 -14.13 -8.20
N ARG C 48 -30.16 -15.31 -8.82
CA ARG C 48 -29.02 -15.84 -9.55
C ARG C 48 -29.57 -16.49 -10.82
N PHE C 49 -28.78 -16.46 -11.88
CA PHE C 49 -29.20 -17.02 -13.15
C PHE C 49 -28.06 -17.85 -13.71
N ASP C 50 -28.42 -19.03 -14.23
CA ASP C 50 -27.50 -20.12 -14.56
C ASP C 50 -27.83 -20.57 -15.97
N GLY C 51 -27.27 -19.90 -16.97
CA GLY C 51 -27.62 -20.21 -18.34
C GLY C 51 -26.47 -20.18 -19.32
N HIS C 52 -25.24 -20.00 -18.82
CA HIS C 52 -24.07 -19.97 -19.67
C HIS C 52 -23.02 -20.97 -19.18
N ASP C 53 -22.20 -21.42 -20.11
CA ASP C 53 -21.04 -22.27 -19.80
C ASP C 53 -19.81 -21.43 -20.13
N GLY C 54 -19.08 -21.04 -19.09
CA GLY C 54 -17.95 -20.16 -19.26
C GLY C 54 -18.32 -18.72 -18.96
N PRO C 55 -17.31 -17.85 -19.00
CA PRO C 55 -17.52 -16.45 -18.59
C PRO C 55 -18.70 -15.80 -19.31
N VAL C 56 -19.30 -14.82 -18.63
CA VAL C 56 -20.41 -14.05 -19.17
C VAL C 56 -19.96 -12.59 -19.20
N ARG C 57 -19.65 -12.10 -20.39
CA ARG C 57 -19.09 -10.77 -20.53
C ARG C 57 -20.14 -9.70 -20.79
N GLY C 58 -21.22 -10.05 -21.47
CA GLY C 58 -22.25 -9.10 -21.82
C GLY C 58 -23.43 -9.24 -20.88
N ILE C 59 -23.95 -8.09 -20.45
CA ILE C 59 -25.11 -8.06 -19.57
C ILE C 59 -25.77 -6.68 -19.64
N ALA C 60 -27.09 -6.64 -19.78
CA ALA C 60 -27.78 -5.38 -19.92
C ALA C 60 -29.26 -5.57 -19.60
N PHE C 61 -29.87 -4.55 -19.00
CA PHE C 61 -31.30 -4.53 -18.74
C PHE C 61 -32.03 -3.90 -19.92
N HIS C 62 -33.23 -4.39 -20.20
CA HIS C 62 -34.09 -3.65 -21.10
C HIS C 62 -34.55 -2.36 -20.38
N PRO C 63 -34.75 -1.27 -21.11
CA PRO C 63 -35.06 0.00 -20.41
C PRO C 63 -36.47 0.06 -19.82
N THR C 64 -37.43 -0.72 -20.34
CA THR C 64 -38.80 -0.66 -19.84
C THR C 64 -39.42 -2.02 -19.55
N GLN C 65 -39.15 -3.00 -20.38
CA GLN C 65 -39.70 -4.33 -20.16
C GLN C 65 -38.88 -5.09 -19.11
N PRO C 66 -39.51 -6.06 -18.43
CA PRO C 66 -38.81 -6.84 -17.38
C PRO C 66 -37.85 -7.89 -17.93
N LEU C 67 -36.93 -7.45 -18.77
CA LEU C 67 -36.00 -8.35 -19.45
C LEU C 67 -34.56 -7.94 -19.20
N PHE C 68 -33.66 -8.92 -19.33
CA PHE C 68 -32.25 -8.62 -19.49
C PHE C 68 -31.64 -9.61 -20.45
N VAL C 69 -30.49 -9.24 -21.00
CA VAL C 69 -29.80 -10.02 -22.02
C VAL C 69 -28.39 -10.25 -21.53
N SER C 70 -27.88 -11.46 -21.77
CA SER C 70 -26.51 -11.81 -21.43
C SER C 70 -25.85 -12.43 -22.65
N GLY C 71 -24.52 -12.34 -22.68
CA GLY C 71 -23.73 -12.87 -23.76
C GLY C 71 -22.47 -13.51 -23.21
N GLY C 72 -22.18 -14.74 -23.64
CA GLY C 72 -21.16 -15.55 -23.00
C GLY C 72 -20.06 -16.02 -23.92
N ASP C 73 -19.03 -16.58 -23.30
CA ASP C 73 -17.98 -17.28 -24.04
C ASP C 73 -18.49 -18.56 -24.67
N ASP C 74 -19.74 -18.97 -24.41
CA ASP C 74 -20.35 -20.07 -25.13
C ASP C 74 -21.05 -19.61 -26.42
N TYR C 75 -20.88 -18.36 -26.81
CA TYR C 75 -21.31 -17.82 -28.09
C TYR C 75 -22.79 -17.43 -28.07
N LYS C 76 -23.49 -17.67 -26.97
CA LYS C 76 -24.92 -17.45 -26.93
C LYS C 76 -25.26 -16.07 -26.40
N VAL C 77 -26.33 -15.49 -26.96
CA VAL C 77 -26.94 -14.28 -26.46
C VAL C 77 -28.28 -14.70 -25.86
N ASN C 78 -28.38 -14.67 -24.54
CA ASN C 78 -29.56 -15.17 -23.85
C ASN C 78 -30.46 -14.02 -23.42
N VAL C 79 -31.77 -14.20 -23.59
CA VAL C 79 -32.76 -13.22 -23.19
C VAL C 79 -33.57 -13.80 -22.05
N TRP C 80 -33.63 -13.06 -20.94
CA TRP C 80 -34.27 -13.51 -19.73
C TRP C 80 -35.39 -12.57 -19.33
N ASN C 81 -36.38 -13.10 -18.61
CA ASN C 81 -37.38 -12.30 -17.91
C ASN C 81 -37.09 -12.44 -16.43
N TYR C 82 -36.79 -11.33 -15.75
CA TYR C 82 -36.41 -11.42 -14.35
C TYR C 82 -37.62 -11.45 -13.41
N LYS C 83 -38.81 -11.09 -13.90
CA LYS C 83 -40.02 -11.23 -13.09
C LYS C 83 -40.43 -12.70 -12.98
N SER C 84 -40.60 -13.37 -14.11
CA SER C 84 -40.83 -14.82 -14.12
C SER C 84 -39.59 -15.61 -13.75
N ARG C 85 -38.41 -15.00 -13.82
CA ARG C 85 -37.15 -15.65 -13.43
C ARG C 85 -36.86 -16.85 -14.34
N LYS C 86 -37.00 -16.65 -15.65
CA LYS C 86 -36.78 -17.73 -16.59
C LYS C 86 -36.00 -17.22 -17.79
N LEU C 87 -35.35 -18.15 -18.47
CA LEU C 87 -34.61 -17.91 -19.70
C LEU C 87 -35.59 -18.09 -20.86
N LEU C 88 -35.92 -17.00 -21.53
CA LEU C 88 -36.95 -17.05 -22.57
C LEU C 88 -36.43 -17.79 -23.79
N PHE C 89 -35.21 -17.49 -24.22
CA PHE C 89 -34.64 -18.09 -25.42
C PHE C 89 -33.18 -17.68 -25.55
N SER C 90 -32.46 -18.42 -26.39
CA SER C 90 -31.06 -18.15 -26.71
C SER C 90 -30.96 -17.75 -28.18
N LEU C 91 -30.33 -16.62 -28.45
CA LEU C 91 -30.10 -16.16 -29.80
C LEU C 91 -28.74 -16.70 -30.22
N CYS C 92 -28.72 -17.52 -31.28
CA CYS C 92 -27.51 -18.20 -31.70
C CYS C 92 -27.11 -17.70 -33.08
N GLY C 93 -25.82 -17.84 -33.37
CA GLY C 93 -25.30 -17.28 -34.60
C GLY C 93 -23.85 -16.88 -34.50
N HIS C 94 -23.45 -16.26 -33.39
CA HIS C 94 -22.05 -15.94 -33.18
C HIS C 94 -21.22 -17.22 -33.09
N MET C 95 -19.97 -17.15 -33.57
CA MET C 95 -19.11 -18.32 -33.65
C MET C 95 -17.88 -18.21 -32.75
N ASP C 96 -17.86 -17.26 -31.83
CA ASP C 96 -16.80 -17.12 -30.85
C ASP C 96 -17.35 -16.28 -29.70
N TYR C 97 -16.53 -16.01 -28.70
CA TYR C 97 -16.94 -15.27 -27.51
C TYR C 97 -17.80 -14.06 -27.86
N VAL C 98 -18.92 -13.90 -27.17
CA VAL C 98 -19.66 -12.64 -27.18
C VAL C 98 -19.04 -11.71 -26.15
N ARG C 99 -18.72 -10.48 -26.58
CA ARG C 99 -18.03 -9.53 -25.71
C ARG C 99 -18.96 -8.53 -25.06
N VAL C 100 -20.00 -8.08 -25.77
CA VAL C 100 -20.93 -7.07 -25.30
C VAL C 100 -22.30 -7.43 -25.85
N CYS C 101 -23.34 -7.18 -25.06
CA CYS C 101 -24.70 -7.17 -25.61
C CYS C 101 -25.51 -6.11 -24.89
N THR C 102 -26.39 -5.44 -25.65
CA THR C 102 -27.18 -4.34 -25.13
C THR C 102 -28.53 -4.30 -25.85
N PHE C 103 -29.51 -3.66 -25.20
CA PHE C 103 -30.79 -3.37 -25.83
C PHE C 103 -30.77 -1.96 -26.43
N HIS C 104 -31.47 -1.81 -27.54
CA HIS C 104 -31.75 -0.47 -28.04
C HIS C 104 -32.77 0.21 -27.12
N HIS C 105 -32.70 1.55 -27.07
CA HIS C 105 -33.57 2.32 -26.18
C HIS C 105 -35.00 2.48 -26.72
N GLU C 106 -35.21 2.26 -28.01
CA GLU C 106 -36.51 2.51 -28.59
C GLU C 106 -36.95 1.34 -29.47
N TYR C 107 -36.07 0.91 -30.37
CA TYR C 107 -36.40 -0.20 -31.26
C TYR C 107 -36.28 -1.51 -30.50
N PRO C 108 -37.03 -2.52 -30.92
CA PRO C 108 -37.00 -3.83 -30.24
C PRO C 108 -35.76 -4.65 -30.60
N TRP C 109 -34.59 -4.05 -30.38
CA TRP C 109 -33.34 -4.58 -30.90
C TRP C 109 -32.34 -4.92 -29.81
N ILE C 110 -31.54 -5.95 -30.08
CA ILE C 110 -30.38 -6.31 -29.27
C ILE C 110 -29.15 -6.17 -30.16
N LEU C 111 -28.10 -5.59 -29.59
CA LEU C 111 -26.80 -5.44 -30.24
C LEU C 111 -25.83 -6.38 -29.54
N SER C 112 -25.07 -7.15 -30.31
CA SER C 112 -24.01 -7.96 -29.74
C SER C 112 -22.78 -7.90 -30.63
N CYS C 113 -21.61 -8.11 -30.04
CA CYS C 113 -20.38 -8.21 -30.83
C CYS C 113 -19.55 -9.35 -30.28
N SER C 114 -18.59 -9.82 -31.09
CA SER C 114 -18.01 -11.13 -30.84
C SER C 114 -16.57 -11.19 -31.35
N ASP C 115 -15.81 -12.12 -30.75
CA ASP C 115 -14.49 -12.43 -31.26
C ASP C 115 -14.54 -12.97 -32.67
N ASP C 116 -15.72 -13.41 -33.15
CA ASP C 116 -15.88 -13.87 -34.53
C ASP C 116 -15.80 -12.71 -35.55
N GLN C 117 -15.42 -11.51 -35.12
CA GLN C 117 -15.17 -10.33 -35.95
C GLN C 117 -16.44 -9.69 -36.47
N THR C 118 -17.60 -10.01 -35.89
CA THR C 118 -18.85 -9.45 -36.37
C THR C 118 -19.62 -8.78 -35.24
N ILE C 119 -20.50 -7.88 -35.65
CA ILE C 119 -21.51 -7.26 -34.80
C ILE C 119 -22.86 -7.70 -35.32
N ARG C 120 -23.71 -8.18 -34.45
CA ARG C 120 -25.02 -8.67 -34.86
C ARG C 120 -26.09 -7.79 -34.22
N ILE C 121 -27.14 -7.49 -34.99
CA ILE C 121 -28.33 -6.84 -34.48
C ILE C 121 -29.47 -7.84 -34.55
N TRP C 122 -30.18 -8.04 -33.44
CA TRP C 122 -31.29 -8.97 -33.38
C TRP C 122 -32.56 -8.24 -33.02
N ASN C 123 -33.69 -8.74 -33.52
CA ASN C 123 -35.01 -8.33 -33.05
C ASN C 123 -35.45 -9.35 -31.99
N TRP C 124 -35.59 -8.90 -30.74
CA TRP C 124 -35.89 -9.84 -29.66
C TRP C 124 -37.36 -10.22 -29.61
N GLN C 125 -38.22 -9.51 -30.34
CA GLN C 125 -39.63 -9.88 -30.45
C GLN C 125 -39.83 -11.04 -31.42
N SER C 126 -39.31 -10.91 -32.64
CA SER C 126 -39.35 -12.02 -33.60
C SER C 126 -38.27 -13.05 -33.35
N ARG C 127 -37.27 -12.74 -32.51
CA ARG C 127 -36.16 -13.64 -32.20
C ARG C 127 -35.30 -13.92 -33.41
N ASN C 128 -35.18 -12.95 -34.32
CA ASN C 128 -34.40 -13.11 -35.53
C ASN C 128 -33.17 -12.19 -35.52
N CYS C 129 -32.12 -12.65 -36.18
CA CYS C 129 -31.01 -11.77 -36.50
C CYS C 129 -31.41 -10.90 -37.70
N ILE C 130 -31.41 -9.58 -37.51
CA ILE C 130 -31.81 -8.70 -38.60
C ILE C 130 -30.63 -8.05 -39.31
N ALA C 131 -29.40 -8.24 -38.84
CA ALA C 131 -28.27 -7.72 -39.59
C ALA C 131 -26.96 -8.25 -38.99
N ILE C 132 -25.97 -8.42 -39.87
CA ILE C 132 -24.62 -8.81 -39.49
C ILE C 132 -23.67 -7.77 -40.07
N LEU C 133 -22.94 -7.09 -39.18
CA LEU C 133 -22.01 -6.04 -39.58
C LEU C 133 -20.61 -6.63 -39.63
N THR C 134 -20.06 -6.75 -40.84
CA THR C 134 -18.76 -7.34 -41.09
C THR C 134 -17.78 -6.26 -41.57
N GLY C 135 -16.50 -6.52 -41.34
CA GLY C 135 -15.49 -5.59 -41.78
C GLY C 135 -14.28 -5.52 -40.88
N HIS C 136 -14.50 -5.63 -39.57
CA HIS C 136 -13.38 -5.78 -38.64
C HIS C 136 -12.61 -7.04 -39.00
N SER C 137 -11.29 -7.02 -38.73
CA SER C 137 -10.42 -8.14 -39.09
C SER C 137 -9.81 -8.82 -37.86
N HIS C 138 -10.43 -8.64 -36.70
CA HIS C 138 -9.99 -9.26 -35.45
C HIS C 138 -11.16 -9.10 -34.48
N TYR C 139 -10.97 -9.53 -33.23
CA TYR C 139 -12.07 -9.53 -32.27
C TYR C 139 -12.76 -8.18 -32.22
N VAL C 140 -14.09 -8.18 -32.18
CA VAL C 140 -14.83 -6.96 -31.87
C VAL C 140 -15.08 -6.97 -30.36
N MET C 141 -14.40 -6.05 -29.67
CA MET C 141 -14.40 -6.05 -28.22
C MET C 141 -15.53 -5.24 -27.62
N CYS C 142 -16.15 -4.36 -28.41
CA CYS C 142 -17.19 -3.48 -27.90
C CYS C 142 -18.01 -2.94 -29.06
N ALA C 143 -19.27 -2.64 -28.77
CA ALA C 143 -20.17 -2.02 -29.73
C ALA C 143 -21.26 -1.36 -28.90
N ALA C 144 -21.76 -0.23 -29.38
CA ALA C 144 -22.77 0.53 -28.65
C ALA C 144 -23.66 1.26 -29.65
N PHE C 145 -24.95 1.33 -29.33
CA PHE C 145 -25.87 2.17 -30.09
C PHE C 145 -25.68 3.63 -29.71
N HIS C 146 -25.79 4.51 -30.69
CA HIS C 146 -25.86 5.94 -30.41
C HIS C 146 -27.19 6.28 -29.75
N PRO C 147 -27.23 7.24 -28.82
CA PRO C 147 -28.47 7.48 -28.05
C PRO C 147 -29.58 8.20 -28.79
N SER C 148 -29.28 8.88 -29.91
CA SER C 148 -30.32 9.61 -30.62
C SER C 148 -30.18 9.56 -32.13
N GLU C 149 -29.14 8.94 -32.67
CA GLU C 149 -28.93 8.84 -34.10
C GLU C 149 -28.80 7.37 -34.47
N ASP C 150 -29.03 7.05 -35.75
CA ASP C 150 -28.94 5.68 -36.25
C ASP C 150 -27.49 5.33 -36.56
N LEU C 151 -26.69 5.27 -35.50
CA LEU C 151 -25.27 4.95 -35.59
C LEU C 151 -24.91 3.91 -34.53
N ILE C 152 -23.89 3.10 -34.84
CA ILE C 152 -23.24 2.19 -33.90
C ILE C 152 -21.77 2.54 -33.91
N VAL C 153 -21.13 2.48 -32.75
CA VAL C 153 -19.67 2.55 -32.66
C VAL C 153 -19.16 1.19 -32.18
N SER C 154 -18.04 0.75 -32.74
CA SER C 154 -17.43 -0.51 -32.34
C SER C 154 -15.93 -0.34 -32.22
N ALA C 155 -15.32 -1.20 -31.40
CA ALA C 155 -13.88 -1.21 -31.20
C ALA C 155 -13.35 -2.62 -31.36
N SER C 156 -12.16 -2.77 -31.94
CA SER C 156 -11.67 -4.08 -32.31
C SER C 156 -10.18 -4.21 -32.08
N LEU C 157 -9.73 -5.44 -31.87
CA LEU C 157 -8.30 -5.72 -31.78
C LEU C 157 -7.58 -5.50 -33.11
N ASP C 158 -8.31 -5.19 -34.19
CA ASP C 158 -7.69 -4.79 -35.45
C ASP C 158 -7.18 -3.36 -35.41
N GLN C 159 -7.27 -2.71 -34.24
CA GLN C 159 -6.73 -1.37 -33.94
C GLN C 159 -7.62 -0.26 -34.45
N THR C 160 -8.84 -0.56 -34.91
CA THR C 160 -9.74 0.47 -35.40
C THR C 160 -10.95 0.60 -34.50
N VAL C 161 -11.51 1.80 -34.53
CA VAL C 161 -12.83 2.13 -34.01
C VAL C 161 -13.69 2.47 -35.22
N ARG C 162 -14.83 1.79 -35.36
CA ARG C 162 -15.68 1.98 -36.52
C ARG C 162 -16.98 2.62 -36.11
N VAL C 163 -17.45 3.57 -36.92
CA VAL C 163 -18.80 4.12 -36.78
C VAL C 163 -19.60 3.64 -37.97
N TRP C 164 -20.77 3.08 -37.69
CA TRP C 164 -21.58 2.43 -38.70
C TRP C 164 -22.92 3.15 -38.80
N ASP C 165 -23.37 3.34 -40.04
CA ASP C 165 -24.67 3.94 -40.34
C ASP C 165 -25.68 2.81 -40.52
N ILE C 166 -26.67 2.77 -39.63
CA ILE C 166 -27.70 1.74 -39.66
C ILE C 166 -29.07 2.35 -39.97
N SER C 167 -29.07 3.54 -40.58
CA SER C 167 -30.34 4.16 -40.95
C SER C 167 -31.11 3.30 -41.95
N GLY C 168 -30.40 2.61 -42.84
CA GLY C 168 -31.08 1.72 -43.78
C GLY C 168 -31.78 0.56 -43.09
N LEU C 169 -31.17 0.01 -42.04
CA LEU C 169 -31.81 -1.07 -41.30
C LEU C 169 -33.07 -0.57 -40.61
N ARG C 170 -33.03 0.65 -40.05
CA ARG C 170 -34.22 1.20 -39.43
C ARG C 170 -35.35 1.34 -40.45
N MET C 171 -35.10 2.07 -41.53
CA MET C 171 -36.06 2.25 -42.59
C MET C 171 -36.38 0.91 -43.24
N ALA C 202 -26.87 -1.42 -43.26
CA ALA C 202 -25.72 -1.07 -42.43
C ALA C 202 -24.47 -0.86 -43.28
N ILE C 203 -23.87 0.32 -43.15
CA ILE C 203 -22.70 0.71 -43.92
C ILE C 203 -21.72 1.38 -42.97
N VAL C 204 -20.44 1.04 -43.07
CA VAL C 204 -19.45 1.70 -42.23
C VAL C 204 -19.30 3.14 -42.70
N LYS C 205 -19.36 4.08 -41.77
CA LYS C 205 -19.22 5.49 -42.05
C LYS C 205 -17.79 5.97 -41.83
N PHE C 206 -17.19 5.62 -40.69
CA PHE C 206 -15.83 5.98 -40.35
C PHE C 206 -15.04 4.75 -39.93
N VAL C 207 -13.83 4.60 -40.44
CA VAL C 207 -12.87 3.65 -39.87
C VAL C 207 -11.79 4.50 -39.22
N LEU C 208 -11.94 4.72 -37.92
CA LEU C 208 -11.10 5.64 -37.18
C LEU C 208 -9.77 4.97 -36.86
N GLU C 209 -8.70 5.54 -37.39
CA GLU C 209 -7.35 5.09 -37.16
C GLU C 209 -6.66 6.07 -36.22
N GLY C 210 -5.86 5.53 -35.31
CA GLY C 210 -5.21 6.35 -34.32
C GLY C 210 -4.57 5.51 -33.24
N HIS C 211 -5.29 4.50 -32.75
CA HIS C 211 -4.70 3.54 -31.83
C HIS C 211 -3.70 2.67 -32.58
N ASP C 212 -2.54 2.43 -31.98
CA ASP C 212 -1.52 1.57 -32.57
C ASP C 212 -1.49 0.18 -31.93
N ARG C 213 -2.45 -0.13 -31.06
CA ARG C 213 -2.66 -1.48 -30.58
C ARG C 213 -4.16 -1.75 -30.56
N GLY C 214 -4.54 -2.96 -30.16
CA GLY C 214 -5.94 -3.33 -30.15
C GLY C 214 -6.77 -2.41 -29.27
N VAL C 215 -8.03 -2.23 -29.68
CA VAL C 215 -8.98 -1.37 -28.97
C VAL C 215 -9.98 -2.26 -28.25
N ASN C 216 -10.17 -2.00 -26.96
CA ASN C 216 -11.02 -2.82 -26.13
C ASN C 216 -12.40 -2.24 -25.86
N TRP C 217 -12.56 -0.93 -25.99
CA TRP C 217 -13.81 -0.30 -25.59
C TRP C 217 -14.06 0.96 -26.40
N CYS C 218 -15.35 1.29 -26.56
CA CYS C 218 -15.76 2.53 -27.20
C CYS C 218 -17.07 2.97 -26.56
N ALA C 219 -17.28 4.28 -26.53
CA ALA C 219 -18.49 4.82 -25.93
C ALA C 219 -18.84 6.15 -26.58
N PHE C 220 -20.16 6.42 -26.68
CA PHE C 220 -20.68 7.72 -27.07
C PHE C 220 -20.96 8.58 -25.86
N HIS C 221 -20.81 9.88 -26.02
CA HIS C 221 -21.30 10.79 -25.00
C HIS C 221 -22.82 10.82 -25.10
N PRO C 222 -23.53 10.89 -23.97
CA PRO C 222 -25.00 10.81 -24.05
C PRO C 222 -25.66 11.98 -24.78
N THR C 223 -25.05 13.17 -24.82
CA THR C 223 -25.65 14.31 -25.51
C THR C 223 -24.71 15.07 -26.44
N LEU C 224 -23.41 14.92 -26.30
CA LEU C 224 -22.43 15.63 -27.11
C LEU C 224 -21.90 14.73 -28.22
N PRO C 225 -21.45 15.32 -29.34
CA PRO C 225 -21.01 14.54 -30.51
C PRO C 225 -19.59 13.98 -30.34
N LEU C 226 -19.39 13.24 -29.25
CA LEU C 226 -18.08 12.76 -28.85
C LEU C 226 -18.07 11.24 -28.72
N ILE C 227 -16.89 10.68 -28.95
CA ILE C 227 -16.62 9.26 -28.83
C ILE C 227 -15.36 9.10 -27.99
N LEU C 228 -15.37 8.10 -27.10
CA LEU C 228 -14.21 7.70 -26.34
C LEU C 228 -13.82 6.28 -26.73
N SER C 229 -12.51 6.03 -26.86
CA SER C 229 -12.01 4.69 -27.13
C SER C 229 -10.79 4.42 -26.26
N ALA C 230 -10.53 3.14 -25.96
CA ALA C 230 -9.42 2.78 -25.08
C ALA C 230 -8.92 1.40 -25.44
N GLY C 231 -7.62 1.19 -25.29
CA GLY C 231 -7.10 -0.10 -25.67
C GLY C 231 -5.81 -0.54 -25.02
N ASP C 232 -5.22 -1.56 -25.66
CA ASP C 232 -3.99 -2.20 -25.23
C ASP C 232 -2.79 -1.31 -25.36
N ASP C 233 -2.92 -0.16 -26.02
CA ASP C 233 -1.86 0.83 -26.07
C ASP C 233 -1.82 1.68 -24.82
N ARG C 234 -2.71 1.41 -23.85
CA ARG C 234 -2.81 2.09 -22.58
C ARG C 234 -3.41 3.47 -22.72
N LEU C 235 -4.02 3.78 -23.86
CA LEU C 235 -4.47 5.13 -24.16
C LEU C 235 -5.99 5.19 -24.14
N VAL C 236 -6.49 6.35 -23.70
CA VAL C 236 -7.89 6.73 -23.88
C VAL C 236 -7.92 7.88 -24.87
N LYS C 237 -8.61 7.69 -25.98
CA LYS C 237 -8.69 8.71 -27.02
C LYS C 237 -10.07 9.30 -27.09
N LEU C 238 -10.12 10.62 -27.25
CA LEU C 238 -11.36 11.37 -27.41
C LEU C 238 -11.49 11.79 -28.87
N TRP C 239 -12.64 11.49 -29.47
CA TRP C 239 -12.94 11.84 -30.85
C TRP C 239 -14.16 12.74 -30.93
N ARG C 240 -14.18 13.63 -31.92
CA ARG C 240 -15.35 14.42 -32.25
C ARG C 240 -15.88 13.99 -33.61
N MET C 241 -17.20 13.92 -33.74
CA MET C 241 -17.78 13.64 -35.04
C MET C 241 -18.84 14.68 -35.40
N THR C 242 -18.89 14.99 -36.68
CA THR C 242 -19.98 15.70 -37.31
C THR C 242 -20.74 14.71 -38.18
N ALA C 243 -21.77 15.21 -38.86
CA ALA C 243 -22.51 14.35 -39.78
C ALA C 243 -21.64 13.86 -40.93
N SER C 244 -20.56 14.56 -41.23
CA SER C 244 -19.76 14.27 -42.40
C SER C 244 -18.32 13.87 -42.12
N LYS C 245 -17.81 14.08 -40.91
CA LYS C 245 -16.40 13.79 -40.65
C LYS C 245 -16.18 13.57 -39.16
N ALA C 246 -14.96 13.15 -38.83
CA ALA C 246 -14.56 12.92 -37.44
C ALA C 246 -13.09 13.25 -37.30
N TRP C 247 -12.64 13.43 -36.06
CA TRP C 247 -11.20 13.61 -35.84
C TRP C 247 -10.87 13.28 -34.40
N GLU C 248 -9.60 12.95 -34.20
CA GLU C 248 -9.06 12.77 -32.87
C GLU C 248 -8.88 14.13 -32.20
N VAL C 249 -9.44 14.28 -31.01
CA VAL C 249 -9.30 15.52 -30.25
C VAL C 249 -8.03 15.50 -29.41
N ASP C 250 -7.85 14.44 -28.63
CA ASP C 250 -6.75 14.37 -27.67
C ASP C 250 -6.66 12.95 -27.11
N THR C 251 -5.58 12.72 -26.35
CA THR C 251 -5.34 11.43 -25.72
C THR C 251 -5.12 11.64 -24.22
N CYS C 252 -5.71 10.75 -23.43
CA CYS C 252 -5.42 10.63 -22.01
C CYS C 252 -4.27 9.64 -21.83
N ARG C 253 -3.15 10.10 -21.27
CA ARG C 253 -1.97 9.27 -21.07
C ARG C 253 -1.70 9.09 -19.58
N GLY C 254 -1.43 7.87 -19.18
CA GLY C 254 -1.05 7.62 -17.80
C GLY C 254 -1.23 6.19 -17.35
N HIS C 255 -2.27 5.52 -17.84
CA HIS C 255 -2.44 4.11 -17.52
C HIS C 255 -1.17 3.35 -17.89
N PHE C 256 -0.81 2.35 -17.07
CA PHE C 256 0.39 1.56 -17.32
C PHE C 256 0.06 0.10 -17.60
N ASN C 257 -1.15 -0.18 -18.09
CA ASN C 257 -1.53 -1.50 -18.58
C ASN C 257 -2.76 -1.30 -19.45
N ASN C 258 -3.27 -2.38 -20.03
CA ASN C 258 -4.38 -2.26 -20.97
C ASN C 258 -5.53 -1.50 -20.33
N VAL C 259 -6.17 -0.62 -21.10
CA VAL C 259 -7.39 0.03 -20.64
C VAL C 259 -8.55 -0.82 -21.10
N SER C 260 -9.34 -1.29 -20.14
CA SER C 260 -10.40 -2.24 -20.40
C SER C 260 -11.73 -1.57 -20.70
N CYS C 261 -11.91 -0.31 -20.29
CA CYS C 261 -13.23 0.32 -20.36
C CYS C 261 -13.09 1.81 -20.15
N CYS C 262 -14.02 2.56 -20.74
CA CYS C 262 -14.04 4.01 -20.65
C CYS C 262 -15.46 4.51 -20.82
N LEU C 263 -15.76 5.65 -20.21
CA LEU C 263 -17.09 6.22 -20.36
C LEU C 263 -17.03 7.71 -20.06
N PHE C 264 -18.03 8.42 -20.56
CA PHE C 264 -18.23 9.82 -20.23
C PHE C 264 -19.07 9.93 -18.98
N HIS C 265 -18.67 10.81 -18.07
CA HIS C 265 -19.54 11.23 -17.00
C HIS C 265 -20.74 11.95 -17.62
N PRO C 266 -21.97 11.51 -17.38
CA PRO C 266 -23.11 12.13 -18.08
C PRO C 266 -23.46 13.53 -17.61
N HIS C 267 -22.97 13.97 -16.45
CA HIS C 267 -23.43 15.21 -15.85
C HIS C 267 -22.31 16.15 -15.43
N GLN C 268 -21.05 15.71 -15.50
CA GLN C 268 -19.89 16.55 -15.24
C GLN C 268 -18.94 16.38 -16.42
N GLU C 269 -18.11 17.40 -16.66
CA GLU C 269 -17.19 17.39 -17.80
C GLU C 269 -15.98 16.53 -17.45
N LEU C 270 -16.25 15.22 -17.32
CA LEU C 270 -15.25 14.27 -16.89
C LEU C 270 -15.27 13.03 -17.77
N ILE C 271 -14.09 12.43 -17.93
CA ILE C 271 -13.88 11.13 -18.57
C ILE C 271 -13.49 10.14 -17.49
N LEU C 272 -13.96 8.90 -17.61
CA LEU C 272 -13.58 7.82 -16.70
C LEU C 272 -13.02 6.64 -17.47
N SER C 273 -11.94 6.06 -16.96
CA SER C 273 -11.37 4.87 -17.55
C SER C 273 -11.06 3.85 -16.46
N ALA C 274 -10.96 2.59 -16.87
CA ALA C 274 -10.68 1.49 -15.95
C ALA C 274 -9.67 0.57 -16.62
N SER C 275 -8.72 0.04 -15.86
CA SER C 275 -7.57 -0.60 -16.46
C SER C 275 -7.13 -1.82 -15.68
N GLU C 276 -6.44 -2.72 -16.41
CA GLU C 276 -5.73 -3.82 -15.79
C GLU C 276 -4.58 -3.34 -14.92
N ASP C 277 -4.27 -2.05 -14.93
CA ASP C 277 -3.28 -1.54 -13.99
C ASP C 277 -3.86 -1.34 -12.60
N LYS C 278 -5.09 -1.82 -12.37
CA LYS C 278 -5.77 -1.77 -11.08
C LYS C 278 -6.21 -0.37 -10.70
N THR C 279 -6.37 0.52 -11.68
CA THR C 279 -6.85 1.87 -11.40
C THR C 279 -8.10 2.19 -12.21
N ILE C 280 -8.97 2.97 -11.57
CA ILE C 280 -9.99 3.75 -12.25
C ILE C 280 -9.46 5.17 -12.27
N ARG C 281 -9.50 5.80 -13.43
CA ARG C 281 -8.95 7.15 -13.57
C ARG C 281 -10.01 8.11 -14.08
N VAL C 282 -9.97 9.31 -13.53
CA VAL C 282 -10.88 10.39 -13.90
C VAL C 282 -10.05 11.48 -14.55
N TRP C 283 -10.52 11.95 -15.70
CA TRP C 283 -9.81 12.95 -16.47
C TRP C 283 -10.73 14.11 -16.81
N ASP C 284 -10.12 15.26 -17.01
CA ASP C 284 -10.83 16.46 -17.44
C ASP C 284 -11.24 16.34 -18.91
N LEU C 285 -12.51 16.56 -19.20
CA LEU C 285 -13.00 16.40 -20.57
C LEU C 285 -12.39 17.45 -21.50
N ASN C 286 -12.08 18.63 -21.00
CA ASN C 286 -11.67 19.75 -21.83
C ASN C 286 -10.17 19.82 -22.03
N ARG C 287 -9.40 19.29 -21.09
CA ARG C 287 -7.95 19.36 -21.14
C ARG C 287 -7.30 17.99 -21.15
N ARG C 288 -8.03 16.95 -20.75
CA ARG C 288 -7.56 15.55 -20.74
C ARG C 288 -6.45 15.34 -19.74
N THR C 289 -6.35 16.24 -18.76
CA THR C 289 -5.43 16.09 -17.65
C THR C 289 -6.02 15.19 -16.57
N ALA C 290 -5.13 14.56 -15.81
CA ALA C 290 -5.59 13.68 -14.74
C ALA C 290 -6.26 14.50 -13.64
N VAL C 291 -7.41 14.02 -13.19
CA VAL C 291 -8.13 14.61 -12.07
C VAL C 291 -7.96 13.79 -10.80
N GLN C 292 -8.14 12.47 -10.91
CA GLN C 292 -8.10 11.60 -9.76
C GLN C 292 -7.87 10.16 -10.20
N THR C 293 -7.06 9.45 -9.43
CA THR C 293 -6.88 8.02 -9.58
C THR C 293 -7.41 7.29 -8.35
N PHE C 294 -8.14 6.20 -8.59
CA PHE C 294 -8.57 5.26 -7.56
C PHE C 294 -7.91 3.93 -7.86
N ARG C 295 -7.43 3.26 -6.82
CA ARG C 295 -6.62 2.07 -6.99
C ARG C 295 -7.10 0.99 -6.04
N ARG C 296 -6.98 -0.25 -6.50
CA ARG C 296 -7.14 -1.44 -5.68
C ARG C 296 -5.82 -2.19 -5.67
N ASP C 297 -5.54 -2.90 -4.59
CA ASP C 297 -4.19 -3.41 -4.41
C ASP C 297 -3.93 -4.65 -5.25
N ASN C 298 -4.92 -5.54 -5.38
CA ASN C 298 -4.71 -6.81 -6.05
C ASN C 298 -5.70 -7.08 -7.19
N ASP C 299 -6.53 -6.11 -7.57
CA ASP C 299 -7.65 -6.36 -8.48
C ASP C 299 -7.53 -5.53 -9.76
N ALA C 300 -7.41 -6.19 -10.89
CA ALA C 300 -7.60 -5.50 -12.15
C ALA C 300 -9.06 -5.09 -12.32
N PHE C 301 -9.27 -3.97 -13.00
CA PHE C 301 -10.61 -3.53 -13.37
C PHE C 301 -10.92 -3.94 -14.80
N TRP C 302 -12.11 -4.48 -15.01
CA TRP C 302 -12.54 -4.97 -16.32
C TRP C 302 -13.61 -4.13 -16.96
N PHE C 303 -14.33 -3.32 -16.19
CA PHE C 303 -15.53 -2.71 -16.72
C PHE C 303 -16.05 -1.66 -15.76
N ILE C 304 -16.56 -0.57 -16.31
CA ILE C 304 -17.22 0.47 -15.51
C ILE C 304 -18.48 0.91 -16.26
N THR C 305 -19.48 1.31 -15.49
CA THR C 305 -20.73 1.76 -16.09
C THR C 305 -21.31 2.86 -15.21
N VAL C 306 -22.30 3.56 -15.73
CA VAL C 306 -22.99 4.59 -14.97
C VAL C 306 -24.48 4.40 -15.16
N HIS C 307 -25.24 4.78 -14.12
CA HIS C 307 -26.68 4.74 -14.18
C HIS C 307 -27.21 5.70 -15.26
N PRO C 308 -28.34 5.41 -15.88
CA PRO C 308 -28.80 6.28 -16.97
C PRO C 308 -29.22 7.68 -16.54
N LYS C 309 -29.62 7.89 -15.28
CA LYS C 309 -29.99 9.20 -14.77
C LYS C 309 -29.18 9.67 -13.58
N LEU C 310 -28.82 8.79 -12.65
CA LEU C 310 -28.24 9.21 -11.39
C LEU C 310 -26.71 9.30 -11.49
N ASN C 311 -26.12 10.03 -10.54
CA ASN C 311 -24.66 10.04 -10.25
C ASN C 311 -24.32 8.75 -9.50
N LEU C 312 -24.43 7.64 -10.22
CA LEU C 312 -24.18 6.33 -9.63
C LEU C 312 -23.37 5.51 -10.62
N PHE C 313 -22.22 5.02 -10.17
CA PHE C 313 -21.31 4.25 -10.99
C PHE C 313 -21.09 2.87 -10.40
N ALA C 314 -20.73 1.93 -11.26
CA ALA C 314 -20.35 0.58 -10.85
C ALA C 314 -19.10 0.15 -11.60
N ALA C 315 -18.29 -0.70 -10.96
CA ALA C 315 -17.06 -1.19 -11.55
C ALA C 315 -16.92 -2.67 -11.23
N ALA C 316 -16.45 -3.44 -12.21
CA ALA C 316 -16.23 -4.86 -12.06
C ALA C 316 -14.73 -5.13 -12.08
N HIS C 317 -14.27 -5.96 -11.15
CA HIS C 317 -12.84 -6.22 -10.97
C HIS C 317 -12.63 -7.69 -10.63
N ASP C 318 -11.37 -8.05 -10.36
CA ASP C 318 -11.02 -9.45 -10.15
C ASP C 318 -11.72 -10.09 -8.95
N SER C 319 -12.21 -9.27 -8.00
CA SER C 319 -12.75 -9.80 -6.74
C SER C 319 -14.23 -9.48 -6.55
N GLY C 320 -14.89 -8.91 -7.56
CA GLY C 320 -16.30 -8.59 -7.41
C GLY C 320 -16.66 -7.24 -7.99
N VAL C 321 -17.69 -6.60 -7.45
CA VAL C 321 -18.23 -5.37 -8.02
C VAL C 321 -18.38 -4.32 -6.93
N MET C 322 -18.30 -3.07 -7.34
CA MET C 322 -18.46 -1.93 -6.44
C MET C 322 -19.43 -0.94 -7.08
N VAL C 323 -20.35 -0.44 -6.27
CA VAL C 323 -21.24 0.65 -6.67
C VAL C 323 -20.85 1.88 -5.85
N PHE C 324 -20.68 3.01 -6.52
CA PHE C 324 -20.17 4.18 -5.83
C PHE C 324 -20.66 5.47 -6.45
N LYS C 325 -20.71 6.52 -5.64
CA LYS C 325 -20.85 7.88 -6.10
C LYS C 325 -19.48 8.51 -6.22
N LEU C 326 -19.39 9.51 -7.08
CA LEU C 326 -18.17 10.26 -7.32
C LEU C 326 -18.39 11.70 -6.86
N GLU C 327 -17.66 12.13 -5.84
CA GLU C 327 -17.80 13.47 -5.30
C GLU C 327 -16.48 14.22 -5.33
N SER C 328 -16.57 15.54 -5.34
CA SER C 328 -15.37 16.37 -5.26
C SER C 328 -14.68 16.16 -3.93
N ALA C 329 -13.34 16.13 -3.97
CA ALA C 329 -12.56 16.05 -2.74
C ALA C 329 -12.91 17.20 -1.80
N TRP C 330 -12.80 16.93 -0.50
CA TRP C 330 -13.13 17.89 0.55
C TRP C 330 -14.61 18.23 0.56
N SER C 331 -15.45 17.25 0.26
CA SER C 331 -16.89 17.46 0.20
C SER C 331 -17.53 17.35 1.59
C ACE D . 23.52 -10.39 7.31
O ACE D . 24.23 -11.17 6.68
CH3 ACE D . 22.24 -10.83 7.99
C ACE E . 8.72 7.32 46.34
O ACE E . 7.83 8.15 46.47
CH3 ACE E . 10.16 7.71 46.24
C ACE F . -10.65 15.16 -6.45
O ACE F . -11.54 15.98 -6.24
CH3 ACE F . -9.24 15.58 -6.75
#